data_8XK0
#
_entry.id   8XK0
#
_cell.length_a   1.00
_cell.length_b   1.00
_cell.length_c   1.00
_cell.angle_alpha   90.00
_cell.angle_beta   90.00
_cell.angle_gamma   90.00
#
_symmetry.space_group_name_H-M   'P 1'
#
loop_
_entity.id
_entity.type
_entity.pdbx_description
1 polymer KmAgo
2 polymer 'guide DNA'
3 polymer 'target DNA'
4 non-polymer 'MANGANESE (II) ION'
5 water water
#
loop_
_entity_poly.entity_id
_entity_poly.type
_entity_poly.pdbx_seq_one_letter_code
_entity_poly.pdbx_strand_id
1 'polypeptide(L)'
;MEAYITEMVSRERANELEVYVYVFPRKQSDNNYEGVYHIMRAWQRANDLPLAYNQHTIMAFSPVRHMCGYTPMETQKRHI
NIDSPFERALLERLIKNSLIFTAERHLHAKRVGHALRLNQVQQIRQVIIYEAIELYVNIIENRISIGFHLTHQFEYVYTL
QSMIEQGKTIRPGMRVVHSNGRQHYTYTVENVATYGVTDRCPLLQTSIYQYYVEKGAQHILRTFTRSTRVIHVRTKEQRL
SYAATLLKPLCTFETMQPQDVLNVSKCIKLSASKRMKCTYRWIQQLRAQYRHLTFAPNPFTIAQNGYKLDQLSTPKVHFH
RDYATVVSGMKTGKLYKGGNIKISVLFDEDFYLKHHITKKDIYQFIAVLQKIAIAQGVNMTISTSTKSITGKFTDDFFHH
FTEEVEALQPIFAQTTVLAFITSTHLSNKKTRSYQLLKQYFGGKWDIASQVITEKTIEAFQKILHKHGLKNFYPNDEQHC
LRVIDVLKNESFYYTVMNILLGVYVKSGIQPWILANTTHSDCFIGIDVSHENGNSAAGMMNVIGSQGHLIQQAPLNGILA
GEKIDDTLLANLLKQMIKAYHTQFQRFPKHITIHRDGFWREHTALVEKIMSHYEITYDIVEIIKKPNRRMAFFNSVDNTF
STRQGTVYQRGNEAFLCATNPQQKVGMAQPIKIHQVTKTLPFSHIIEDVYNLSFLHIHAMNKMRLPATIHYADLSATAYQ
RGQVMPRSGNQTNLPFV
;
A
2 'polydeoxyribonucleotide' (DT)(DG)(DA)(DG)(DG)(DT)(DA)(DG)(DT)(DA)(DG)(DG)(DT)(DT)(DG)(DT)(DA)(DT) B
3 'polydeoxyribonucleotide' (DT)(DA)(DT)(DA)(DC)(DA)(DA)(DC)(DC)(DT)(DA)(DC)(DT)(DA)(DC)(DC)(DT)(DC)(DA) C
#
loop_
_chem_comp.id
_chem_comp.type
_chem_comp.name
_chem_comp.formula
DA DNA linking 2'-DEOXYADENOSINE-5'-MONOPHOSPHATE 'C10 H14 N5 O6 P'
DC DNA linking 2'-DEOXYCYTIDINE-5'-MONOPHOSPHATE 'C9 H14 N3 O7 P'
DG DNA linking 2'-DEOXYGUANOSINE-5'-MONOPHOSPHATE 'C10 H14 N5 O7 P'
DT DNA linking THYMIDINE-5'-MONOPHOSPHATE 'C10 H15 N2 O8 P'
MN non-polymer 'MANGANESE (II) ION' 'Mn 2'
#
# COMPACT_ATOMS: atom_id res chain seq x y z
N MET A 1 4.43 -27.46 -12.59
CA MET A 1 3.35 -26.49 -12.71
C MET A 1 2.49 -26.47 -11.45
N GLU A 2 3.06 -26.91 -10.34
CA GLU A 2 2.31 -26.97 -9.09
C GLU A 2 2.17 -25.58 -8.49
N ALA A 3 1.34 -25.49 -7.44
CA ALA A 3 1.09 -24.24 -6.74
C ALA A 3 1.77 -24.29 -5.37
N TYR A 4 2.57 -23.27 -5.07
CA TYR A 4 3.39 -23.22 -3.87
C TYR A 4 3.05 -21.97 -3.08
N ILE A 5 3.01 -22.12 -1.75
CA ILE A 5 2.84 -21.00 -0.83
C ILE A 5 3.90 -21.15 0.26
N THR A 6 4.34 -20.02 0.81
CA THR A 6 5.36 -20.02 1.86
C THR A 6 4.71 -20.38 3.20
N GLU A 7 4.29 -21.64 3.30
CA GLU A 7 3.69 -22.18 4.51
C GLU A 7 3.90 -23.68 4.54
N MET A 8 3.82 -24.23 5.76
CA MET A 8 3.87 -25.68 5.94
C MET A 8 3.08 -26.07 7.17
N VAL A 9 2.40 -27.22 7.09
CA VAL A 9 1.56 -27.72 8.16
C VAL A 9 2.21 -28.96 8.76
N SER A 10 2.33 -28.98 10.08
CA SER A 10 3.02 -30.06 10.77
C SER A 10 2.22 -31.35 10.72
N ARG A 11 2.94 -32.48 10.75
CA ARG A 11 2.29 -33.78 10.84
C ARG A 11 1.67 -33.99 12.22
N GLU A 12 2.32 -33.48 13.26
CA GLU A 12 1.76 -33.54 14.60
C GLU A 12 0.56 -32.61 14.71
N ARG A 13 -0.16 -32.75 15.82
CA ARG A 13 -1.35 -31.95 16.07
C ARG A 13 -1.23 -31.23 17.41
N ALA A 14 -2.07 -30.22 17.60
CA ALA A 14 -1.92 -29.32 18.74
C ALA A 14 -2.07 -30.07 20.06
N ASN A 15 -3.03 -30.98 20.14
CA ASN A 15 -3.29 -31.70 21.38
C ASN A 15 -2.48 -32.98 21.51
N GLU A 16 -1.65 -33.31 20.52
CA GLU A 16 -0.77 -34.46 20.60
C GLU A 16 0.64 -34.09 21.05
N LEU A 17 0.89 -32.83 21.40
CA LEU A 17 2.20 -32.36 21.82
C LEU A 17 2.29 -32.41 23.34
N GLU A 18 3.36 -33.01 23.85
CA GLU A 18 3.58 -33.15 25.28
C GLU A 18 4.39 -31.94 25.76
N VAL A 19 3.83 -31.17 26.68
CA VAL A 19 4.46 -29.94 27.15
C VAL A 19 4.50 -29.93 28.67
N TYR A 20 5.35 -29.05 29.20
CA TYR A 20 5.48 -28.82 30.63
C TYR A 20 4.99 -27.41 30.93
N VAL A 21 4.08 -27.29 31.90
CA VAL A 21 3.46 -26.02 32.24
C VAL A 21 3.82 -25.68 33.68
N TYR A 22 4.31 -24.46 33.88
CA TYR A 22 4.62 -23.94 35.21
C TYR A 22 3.75 -22.72 35.46
N VAL A 23 2.99 -22.76 36.54
CA VAL A 23 2.07 -21.68 36.91
C VAL A 23 2.60 -21.03 38.19
N PHE A 24 2.77 -19.71 38.14
CA PHE A 24 3.35 -18.90 39.20
C PHE A 24 2.27 -18.04 39.87
N PRO A 25 2.48 -17.66 41.14
CA PRO A 25 1.56 -16.75 41.84
C PRO A 25 1.43 -15.40 41.16
N ASN A 32 -1.03 -6.47 34.96
CA ASN A 32 0.10 -6.20 34.08
C ASN A 32 0.38 -7.39 33.17
N TYR A 33 0.77 -7.10 31.93
CA TYR A 33 1.03 -8.13 30.93
C TYR A 33 2.51 -8.50 30.84
N GLU A 34 3.35 -7.94 31.71
CA GLU A 34 4.78 -8.22 31.72
C GLU A 34 5.17 -9.21 32.81
N GLY A 35 4.26 -10.11 33.19
CA GLY A 35 4.53 -11.05 34.25
C GLY A 35 5.54 -12.10 33.84
N VAL A 36 6.09 -12.76 34.87
CA VAL A 36 7.10 -13.82 34.79
C VAL A 36 8.02 -13.69 33.57
N TYR A 37 8.46 -12.47 33.29
CA TYR A 37 9.40 -12.25 32.20
C TYR A 37 10.85 -12.30 32.65
N HIS A 38 11.16 -11.69 33.80
CA HIS A 38 12.51 -11.78 34.36
C HIS A 38 12.81 -13.22 34.77
N ILE A 39 11.80 -13.93 35.28
CA ILE A 39 11.98 -15.35 35.59
C ILE A 39 12.27 -16.13 34.31
N MET A 40 11.57 -15.79 33.23
CA MET A 40 11.86 -16.39 31.93
C MET A 40 13.30 -16.13 31.49
N ARG A 41 13.79 -14.90 31.63
CA ARG A 41 15.16 -14.60 31.23
C ARG A 41 16.17 -15.37 32.08
N ALA A 42 15.92 -15.44 33.38
CA ALA A 42 16.82 -16.17 34.28
C ALA A 42 16.86 -17.65 33.91
N TRP A 43 15.69 -18.25 33.67
CA TRP A 43 15.67 -19.65 33.27
C TRP A 43 16.32 -19.85 31.92
N GLN A 44 16.15 -18.91 30.99
CA GLN A 44 16.78 -19.02 29.69
C GLN A 44 18.30 -19.01 29.80
N ARG A 45 18.84 -18.12 30.63
CA ARG A 45 20.29 -18.05 30.77
C ARG A 45 20.82 -19.28 31.52
N ALA A 46 20.10 -19.75 32.54
CA ALA A 46 20.63 -20.82 33.39
C ALA A 46 20.50 -22.17 32.71
N ASN A 47 19.33 -22.49 32.16
CA ASN A 47 19.03 -23.86 31.75
C ASN A 47 19.35 -24.16 30.28
N ASP A 48 19.49 -23.13 29.44
CA ASP A 48 19.87 -23.30 28.05
C ASP A 48 18.85 -24.18 27.30
N LEU A 49 17.62 -23.68 27.23
CA LEU A 49 16.54 -24.39 26.54
C LEU A 49 15.46 -23.39 26.18
N PRO A 50 14.74 -23.62 25.08
CA PRO A 50 13.70 -22.66 24.68
C PRO A 50 12.56 -22.58 25.67
N LEU A 51 11.97 -21.39 25.77
CA LEU A 51 10.91 -21.15 26.73
C LEU A 51 9.93 -20.13 26.15
N ALA A 52 8.78 -20.01 26.80
CA ALA A 52 7.79 -19.01 26.42
C ALA A 52 6.92 -18.71 27.64
N TYR A 53 6.36 -17.51 27.67
CA TYR A 53 5.52 -17.08 28.77
C TYR A 53 4.27 -16.40 28.22
N ASN A 54 3.20 -16.44 29.01
CA ASN A 54 1.99 -15.69 28.68
C ASN A 54 1.20 -15.50 29.97
N GLN A 55 1.21 -14.28 30.49
CA GLN A 55 0.37 -13.87 31.62
C GLN A 55 0.52 -14.83 32.80
N HIS A 56 1.74 -14.83 33.35
CA HIS A 56 2.06 -15.56 34.57
C HIS A 56 1.92 -17.08 34.37
N THR A 57 2.46 -17.56 33.25
CA THR A 57 2.47 -19.00 32.96
C THR A 57 3.58 -19.28 31.96
N ILE A 58 4.43 -20.25 32.27
CA ILE A 58 5.56 -20.62 31.42
C ILE A 58 5.31 -21.99 30.84
N MET A 59 5.64 -22.16 29.56
CA MET A 59 5.50 -23.43 28.87
C MET A 59 6.83 -23.83 28.27
N ALA A 60 7.17 -25.12 28.39
CA ALA A 60 8.44 -25.63 27.88
C ALA A 60 8.23 -27.00 27.27
N PHE A 61 9.24 -27.47 26.54
CA PHE A 61 9.22 -28.79 25.95
C PHE A 61 10.02 -29.81 26.73
N SER A 62 10.89 -29.36 27.64
CA SER A 62 11.72 -30.23 28.45
C SER A 62 11.76 -29.69 29.88
N PRO A 63 11.97 -30.55 30.87
CA PRO A 63 11.97 -30.08 32.26
C PRO A 63 13.10 -29.10 32.53
N VAL A 64 12.83 -28.15 33.43
CA VAL A 64 13.78 -27.11 33.79
C VAL A 64 14.54 -27.57 35.03
N ARG A 65 15.83 -27.86 34.86
CA ARG A 65 16.62 -28.39 35.97
C ARG A 65 16.89 -27.33 37.03
N HIS A 66 17.33 -26.15 36.62
CA HIS A 66 17.72 -25.09 37.54
C HIS A 66 16.69 -23.98 37.51
N MET A 67 16.18 -23.61 38.68
CA MET A 67 15.11 -22.63 38.79
C MET A 67 15.56 -21.29 39.34
N CYS A 68 16.86 -21.11 39.61
CA CYS A 68 17.42 -19.84 40.05
C CYS A 68 16.71 -19.33 41.31
N GLY A 69 16.41 -20.24 42.23
CA GLY A 69 15.73 -19.86 43.45
C GLY A 69 14.32 -19.36 43.25
N TYR A 70 13.59 -19.92 42.29
CA TYR A 70 12.20 -19.56 42.04
C TYR A 70 11.36 -20.82 42.08
N THR A 71 10.27 -20.78 42.84
CA THR A 71 9.40 -21.95 42.97
C THR A 71 8.05 -21.67 42.32
N PRO A 72 7.71 -22.40 41.25
CA PRO A 72 6.37 -22.25 40.67
C PRO A 72 5.31 -22.80 41.60
N MET A 73 4.12 -22.18 41.55
CA MET A 73 3.01 -22.67 42.35
C MET A 73 2.59 -24.06 41.90
N GLU A 74 2.51 -24.29 40.58
CA GLU A 74 2.08 -25.56 40.05
C GLU A 74 3.00 -25.99 38.91
N THR A 75 3.34 -27.27 38.88
CA THR A 75 4.13 -27.86 37.82
C THR A 75 3.37 -29.04 37.24
N GLN A 76 3.17 -29.04 35.91
CA GLN A 76 2.39 -30.07 35.27
C GLN A 76 3.07 -30.54 34.00
N LYS A 77 2.86 -31.81 33.67
CA LYS A 77 3.35 -32.42 32.43
C LYS A 77 2.13 -32.91 31.67
N ARG A 78 1.63 -32.11 30.73
CA ARG A 78 0.32 -32.38 30.14
C ARG A 78 0.30 -31.96 28.68
N HIS A 79 -0.89 -32.04 28.09
CA HIS A 79 -1.19 -31.49 26.78
C HIS A 79 -1.87 -30.13 26.95
N ILE A 80 -2.17 -29.50 25.82
CA ILE A 80 -2.86 -28.21 25.87
C ILE A 80 -4.38 -28.44 25.78
N ASN A 81 -5.13 -27.49 26.33
CA ASN A 81 -6.58 -27.49 26.22
C ASN A 81 -6.95 -26.68 24.99
N ILE A 82 -7.26 -27.38 23.89
CA ILE A 82 -7.49 -26.70 22.63
C ILE A 82 -8.74 -25.83 22.65
N ASP A 83 -9.66 -26.07 23.59
CA ASP A 83 -10.84 -25.23 23.69
C ASP A 83 -10.54 -23.84 24.25
N SER A 84 -9.34 -23.64 24.80
CA SER A 84 -8.95 -22.36 25.36
C SER A 84 -7.93 -21.69 24.44
N PRO A 85 -8.23 -20.51 23.88
CA PRO A 85 -7.23 -19.83 23.03
C PRO A 85 -6.00 -19.37 23.79
N PHE A 86 -6.07 -19.24 25.11
CA PHE A 86 -4.91 -18.82 25.89
C PHE A 86 -3.75 -19.81 25.74
N GLU A 87 -4.03 -21.09 25.96
CA GLU A 87 -3.01 -22.10 25.80
C GLU A 87 -2.59 -22.24 24.34
N ARG A 88 -3.50 -21.98 23.40
CA ARG A 88 -3.13 -21.99 21.99
C ARG A 88 -2.08 -20.93 21.69
N ALA A 89 -2.30 -19.71 22.21
CA ALA A 89 -1.32 -18.64 22.02
C ALA A 89 0.00 -18.97 22.71
N LEU A 90 -0.06 -19.54 23.91
CA LEU A 90 1.16 -19.90 24.62
C LEU A 90 1.95 -20.94 23.84
N LEU A 91 1.27 -21.95 23.29
CA LEU A 91 1.96 -22.96 22.50
C LEU A 91 2.52 -22.39 21.21
N GLU A 92 1.80 -21.45 20.59
CA GLU A 92 2.33 -20.79 19.40
C GLU A 92 3.61 -20.04 19.71
N ARG A 93 3.63 -19.30 20.83
CA ARG A 93 4.84 -18.60 21.23
C ARG A 93 5.97 -19.58 21.53
N LEU A 94 5.66 -20.70 22.17
CA LEU A 94 6.70 -21.69 22.47
C LEU A 94 7.29 -22.27 21.19
N ILE A 95 6.44 -22.59 20.21
CA ILE A 95 6.94 -23.13 18.95
C ILE A 95 7.81 -22.11 18.22
N LYS A 96 7.37 -20.86 18.19
CA LYS A 96 8.16 -19.83 17.54
C LYS A 96 9.52 -19.63 18.24
N ASN A 97 9.51 -19.63 19.57
CA ASN A 97 10.76 -19.47 20.31
C ASN A 97 11.69 -20.64 20.09
N SER A 98 11.14 -21.87 20.03
CA SER A 98 11.98 -23.03 19.76
C SER A 98 12.57 -22.97 18.36
N LEU A 99 11.79 -22.51 17.38
CA LEU A 99 12.32 -22.35 16.03
C LEU A 99 13.44 -21.33 15.99
N ILE A 100 13.27 -20.21 16.70
CA ILE A 100 14.32 -19.19 16.75
C ILE A 100 15.57 -19.75 17.43
N PHE A 101 15.39 -20.46 18.53
CA PHE A 101 16.52 -21.05 19.25
C PHE A 101 17.28 -22.03 18.36
N THR A 102 16.55 -22.89 17.64
CA THR A 102 17.21 -23.84 16.74
C THR A 102 17.83 -23.17 15.53
N ALA A 103 17.34 -21.99 15.14
CA ALA A 103 17.94 -21.27 14.03
C ALA A 103 19.22 -20.57 14.45
N GLU A 104 19.27 -20.01 15.66
CA GLU A 104 20.45 -19.29 16.10
C GLU A 104 21.65 -20.21 16.23
N ARG A 105 21.44 -21.42 16.75
CA ARG A 105 22.49 -22.42 16.84
C ARG A 105 22.41 -23.36 15.64
N HIS A 106 23.52 -24.03 15.35
CA HIS A 106 23.65 -24.96 14.24
C HIS A 106 23.54 -24.26 12.89
N LEU A 107 23.20 -22.97 12.89
CA LEU A 107 22.96 -22.29 11.63
C LEU A 107 23.48 -20.85 11.60
N HIS A 108 24.03 -20.33 12.70
CA HIS A 108 24.72 -19.05 12.74
C HIS A 108 23.83 -17.90 12.26
N ALA A 109 22.78 -17.65 13.02
CA ALA A 109 21.83 -16.59 12.73
C ALA A 109 21.73 -15.64 13.90
N LYS A 110 21.54 -14.35 13.61
CA LYS A 110 21.36 -13.35 14.64
C LYS A 110 19.90 -12.92 14.70
N ARG A 111 19.50 -12.37 15.83
CA ARG A 111 18.15 -11.84 15.99
C ARG A 111 18.24 -10.32 16.01
N VAL A 112 17.91 -9.69 14.89
CA VAL A 112 18.07 -8.25 14.71
C VAL A 112 16.69 -7.64 14.48
N GLY A 113 16.35 -6.65 15.30
CA GLY A 113 15.07 -6.00 15.15
C GLY A 113 13.93 -6.98 15.33
N HIS A 114 13.10 -7.10 14.28
CA HIS A 114 11.99 -8.03 14.27
C HIS A 114 12.28 -9.29 13.46
N ALA A 115 13.48 -9.42 12.91
CA ALA A 115 13.79 -10.50 11.99
C ALA A 115 15.05 -11.23 12.45
N LEU A 116 15.42 -12.24 11.65
CA LEU A 116 16.63 -13.03 11.87
C LEU A 116 17.64 -12.67 10.78
N ARG A 117 18.70 -11.96 11.17
CA ARG A 117 19.77 -11.66 10.24
C ARG A 117 20.53 -12.93 9.88
N LEU A 118 20.73 -13.14 8.58
CA LEU A 118 21.24 -14.40 8.02
C LEU A 118 22.40 -14.09 7.08
N ASN A 119 23.61 -13.97 7.65
CA ASN A 119 24.83 -13.81 6.86
C ASN A 119 24.80 -12.57 5.97
N GLN A 120 25.81 -12.43 5.12
CA GLN A 120 25.94 -11.30 4.21
C GLN A 120 25.87 -11.79 2.77
N VAL A 121 25.19 -11.02 1.92
CA VAL A 121 24.92 -11.47 0.56
C VAL A 121 25.56 -10.55 -0.47
N GLN A 122 25.78 -9.28 -0.10
CA GLN A 122 26.32 -8.32 -1.04
C GLN A 122 27.15 -7.26 -0.32
N GLN A 123 27.99 -6.58 -1.09
CA GLN A 123 28.84 -5.50 -0.58
C GLN A 123 28.95 -4.45 -1.69
N ILE A 124 28.39 -3.28 -1.47
CA ILE A 124 28.33 -2.22 -2.49
C ILE A 124 28.92 -0.95 -1.87
N ARG A 125 30.23 -0.76 -2.07
CA ARG A 125 30.93 0.49 -1.73
C ARG A 125 30.62 0.93 -0.29
N GLN A 126 31.08 0.11 0.64
CA GLN A 126 30.96 0.35 2.08
C GLN A 126 29.51 0.28 2.57
N VAL A 127 28.65 -0.44 1.85
CA VAL A 127 27.29 -0.71 2.30
C VAL A 127 27.10 -2.23 2.27
N ILE A 128 26.74 -2.80 3.42
CA ILE A 128 26.56 -4.23 3.57
C ILE A 128 25.08 -4.54 3.51
N ILE A 129 24.71 -5.55 2.73
CA ILE A 129 23.34 -6.01 2.60
C ILE A 129 23.27 -7.44 3.16
N TYR A 130 22.45 -7.63 4.18
CA TYR A 130 22.18 -8.93 4.77
C TYR A 130 20.83 -9.45 4.32
N GLU A 131 20.66 -10.77 4.42
CA GLU A 131 19.35 -11.39 4.27
C GLU A 131 18.69 -11.53 5.64
N ALA A 132 17.37 -11.69 5.63
CA ALA A 132 16.62 -11.82 6.87
C ALA A 132 15.34 -12.58 6.57
N ILE A 133 14.71 -13.08 7.64
CA ILE A 133 13.51 -13.89 7.49
C ILE A 133 12.60 -13.67 8.69
N GLU A 134 11.29 -13.72 8.44
CA GLU A 134 10.24 -13.67 9.44
C GLU A 134 9.54 -15.01 9.49
N LEU A 135 9.24 -15.47 10.71
CA LEU A 135 8.52 -16.71 10.96
C LEU A 135 7.28 -16.43 11.79
N TYR A 136 6.18 -17.09 11.44
CA TYR A 136 4.90 -16.95 12.12
C TYR A 136 4.30 -18.32 12.36
N VAL A 137 3.69 -18.51 13.53
CA VAL A 137 3.09 -19.77 13.92
C VAL A 137 1.62 -19.54 14.23
N ASN A 138 0.75 -20.38 13.65
CA ASN A 138 -0.69 -20.30 13.89
C ASN A 138 -1.25 -21.69 14.14
N ILE A 139 -2.34 -21.73 14.90
CA ILE A 139 -3.05 -22.97 15.19
C ILE A 139 -4.44 -22.88 14.56
N ILE A 140 -4.72 -23.76 13.60
CA ILE A 140 -5.97 -23.75 12.86
C ILE A 140 -6.53 -25.17 12.85
N GLU A 141 -7.58 -25.39 13.63
CA GLU A 141 -8.30 -26.67 13.66
C GLU A 141 -7.36 -27.83 14.00
N ASN A 142 -6.74 -27.73 15.18
CA ASN A 142 -5.89 -28.79 15.73
C ASN A 142 -4.70 -29.09 14.82
N ARG A 143 -4.24 -28.09 14.08
CA ARG A 143 -3.05 -28.21 13.24
C ARG A 143 -2.17 -26.99 13.46
N ILE A 144 -0.87 -27.17 13.25
CA ILE A 144 0.11 -26.11 13.41
C ILE A 144 0.60 -25.70 12.03
N SER A 145 0.47 -24.41 11.71
CA SER A 145 0.89 -23.88 10.43
C SER A 145 2.04 -22.89 10.66
N ILE A 146 3.12 -23.06 9.89
CA ILE A 146 4.29 -22.20 9.96
C ILE A 146 4.34 -21.42 8.65
N GLY A 147 4.39 -20.10 8.76
CA GLY A 147 4.57 -19.24 7.60
C GLY A 147 5.85 -18.45 7.70
N PHE A 148 6.40 -18.01 6.56
CA PHE A 148 7.73 -17.43 6.55
C PHE A 148 7.90 -16.51 5.35
N HIS A 149 8.68 -15.44 5.56
CA HIS A 149 8.84 -14.36 4.58
C HIS A 149 10.27 -13.88 4.59
N LEU A 150 10.89 -13.72 3.42
CA LEU A 150 12.29 -13.36 3.33
C LEU A 150 12.44 -11.91 2.88
N THR A 151 13.29 -11.16 3.59
CA THR A 151 13.56 -9.75 3.31
C THR A 151 15.07 -9.47 3.37
N HIS A 152 15.45 -8.20 3.30
CA HIS A 152 16.85 -7.79 3.33
C HIS A 152 17.07 -6.75 4.42
N GLN A 153 18.33 -6.41 4.65
CA GLN A 153 18.71 -5.44 5.66
C GLN A 153 19.95 -4.69 5.21
N PHE A 154 20.03 -3.41 5.56
CA PHE A 154 21.11 -2.53 5.13
C PHE A 154 21.96 -2.09 6.33
N GLU A 155 23.26 -1.88 6.09
CA GLU A 155 24.12 -1.32 7.13
C GLU A 155 25.33 -0.65 6.48
N TYR A 156 25.94 0.28 7.21
CA TYR A 156 27.23 0.86 6.86
C TYR A 156 28.37 0.13 7.55
N VAL A 157 29.49 0.02 6.85
CA VAL A 157 30.66 -0.66 7.40
C VAL A 157 31.31 0.17 8.51
N TYR A 158 31.45 1.47 8.28
CA TYR A 158 32.23 2.32 9.17
C TYR A 158 31.37 2.87 10.31
N THR A 159 31.99 3.02 11.47
CA THR A 159 31.33 3.59 12.64
C THR A 159 31.64 5.09 12.72
N LEU A 160 31.14 5.73 13.78
CA LEU A 160 31.48 7.13 14.02
C LEU A 160 32.92 7.29 14.47
N GLN A 161 33.52 6.25 15.06
CA GLN A 161 34.94 6.32 15.41
C GLN A 161 35.82 6.43 14.18
N SER A 162 35.49 5.68 13.13
CA SER A 162 36.24 5.75 11.88
C SER A 162 35.99 7.04 11.12
N MET A 163 35.00 7.84 11.52
CA MET A 163 34.71 9.11 10.87
C MET A 163 35.17 10.33 11.66
N ILE A 164 35.31 10.21 12.98
CA ILE A 164 35.84 11.33 13.76
C ILE A 164 37.29 11.58 13.37
N GLU A 165 38.03 10.54 13.04
CA GLU A 165 39.37 10.66 12.49
C GLU A 165 39.26 10.68 10.96
N GLN A 166 40.41 10.59 10.28
CA GLN A 166 40.50 10.56 8.83
C GLN A 166 39.97 11.83 8.17
N GLY A 167 39.74 12.89 8.94
CA GLY A 167 39.30 14.15 8.39
C GLY A 167 37.89 14.14 7.84
N LYS A 168 36.92 13.82 8.69
CA LYS A 168 35.51 13.85 8.31
C LYS A 168 34.71 14.56 9.40
N THR A 169 33.67 15.26 8.98
CA THR A 169 32.82 16.02 9.88
C THR A 169 31.53 15.28 10.17
N ILE A 170 30.80 15.78 11.17
CA ILE A 170 29.53 15.20 11.59
C ILE A 170 28.51 16.32 11.71
N ARG A 171 27.31 16.11 11.17
CA ARG A 171 26.24 17.06 11.33
C ARG A 171 25.75 17.06 12.78
N PRO A 172 25.27 18.21 13.28
CA PRO A 172 24.78 18.25 14.66
C PRO A 172 23.62 17.31 14.94
N GLY A 173 22.76 17.07 13.95
CA GLY A 173 21.57 16.28 14.19
C GLY A 173 21.23 15.24 13.15
N MET A 174 22.24 14.62 12.54
CA MET A 174 21.96 13.55 11.60
C MET A 174 21.54 12.29 12.34
N ARG A 175 20.79 11.43 11.64
CA ARG A 175 20.29 10.21 12.24
C ARG A 175 21.41 9.18 12.37
N VAL A 176 21.54 8.60 13.56
CA VAL A 176 22.52 7.55 13.82
C VAL A 176 21.83 6.39 14.52
N VAL A 177 22.47 5.23 14.44
CA VAL A 177 21.88 3.97 14.88
C VAL A 177 22.84 3.30 15.85
N HIS A 178 22.32 2.86 17.00
CA HIS A 178 23.05 2.02 17.94
C HIS A 178 22.52 0.60 17.72
N SER A 179 23.30 -0.21 17.01
CA SER A 179 22.88 -1.56 16.65
C SER A 179 23.27 -2.53 17.77
N ASN A 180 22.29 -2.95 18.55
CA ASN A 180 22.47 -3.92 19.62
C ASN A 180 21.60 -5.15 19.33
N GLY A 181 21.55 -6.07 20.29
CA GLY A 181 20.82 -7.30 20.10
C GLY A 181 19.31 -7.13 20.17
N ARG A 182 18.64 -7.21 19.02
CA ARG A 182 17.20 -7.27 18.86
C ARG A 182 16.49 -5.98 19.25
N GLN A 183 17.21 -4.97 19.76
CA GLN A 183 16.61 -3.73 20.22
C GLN A 183 17.38 -2.54 19.67
N HIS A 184 17.68 -2.56 18.38
CA HIS A 184 18.41 -1.46 17.76
C HIS A 184 17.57 -0.20 17.76
N TYR A 185 18.21 0.93 18.02
CA TYR A 185 17.55 2.21 18.15
C TYR A 185 17.87 3.11 16.95
N THR A 186 17.26 4.28 16.94
CA THR A 186 17.51 5.29 15.92
C THR A 186 17.53 6.65 16.59
N TYR A 187 18.52 7.46 16.25
CA TYR A 187 18.72 8.73 16.95
C TYR A 187 18.68 9.91 15.98
N SER A 227 41.49 7.94 20.60
CA SER A 227 40.40 8.85 20.29
C SER A 227 39.21 8.61 21.22
N THR A 228 38.22 7.89 20.72
CA THR A 228 37.01 7.55 21.47
C THR A 228 36.34 8.82 22.03
N ARG A 229 35.88 9.66 21.10
CA ARG A 229 35.20 10.88 21.47
C ARG A 229 33.77 10.60 21.89
N VAL A 230 33.20 11.54 22.64
CA VAL A 230 31.83 11.43 23.12
C VAL A 230 30.90 12.16 22.15
N ILE A 231 29.81 11.50 21.76
CA ILE A 231 28.85 12.04 20.82
C ILE A 231 27.53 12.24 21.54
N HIS A 232 27.04 13.47 21.55
CA HIS A 232 25.78 13.80 22.21
C HIS A 232 24.64 13.64 21.20
N VAL A 233 23.63 12.83 21.57
CA VAL A 233 22.52 12.50 20.70
C VAL A 233 21.21 12.73 21.42
N ARG A 234 20.15 12.89 20.62
CA ARG A 234 18.80 13.16 21.10
C ARG A 234 17.82 12.19 20.47
N THR A 235 16.89 11.69 21.28
CA THR A 235 15.79 10.87 20.81
C THR A 235 14.51 11.35 21.45
N LYS A 236 13.48 11.59 20.64
CA LYS A 236 12.22 12.15 21.10
C LYS A 236 12.50 13.47 21.81
N GLU A 237 12.34 13.50 23.12
CA GLU A 237 12.80 14.59 23.97
C GLU A 237 13.66 13.97 25.07
N GLN A 238 14.93 13.72 24.75
CA GLN A 238 15.85 13.07 25.66
C GLN A 238 17.28 13.20 25.15
N ARG A 239 18.19 13.66 26.01
CA ARG A 239 19.58 13.86 25.65
C ARG A 239 20.44 12.78 26.31
N LEU A 240 21.41 12.25 25.56
CA LEU A 240 22.30 11.24 26.09
C LEU A 240 23.59 11.25 25.28
N SER A 241 24.53 10.40 25.68
CA SER A 241 25.83 10.32 25.02
C SER A 241 26.56 9.08 25.52
N TYR A 242 27.30 8.44 24.62
CA TYR A 242 28.17 7.33 24.97
C TYR A 242 29.25 7.20 23.91
N ALA A 243 29.95 6.07 23.92
CA ALA A 243 31.12 5.89 23.05
C ALA A 243 30.73 5.99 21.57
N ALA A 244 31.62 6.58 20.78
CA ALA A 244 31.37 6.78 19.36
C ALA A 244 31.63 5.54 18.52
N THR A 245 32.24 4.51 19.09
CA THR A 245 32.49 3.29 18.32
C THR A 245 31.20 2.52 18.06
N LEU A 246 30.24 2.61 18.98
CA LEU A 246 29.00 1.84 18.83
C LEU A 246 28.11 2.42 17.73
N LEU A 247 27.95 3.74 17.71
CA LEU A 247 27.02 4.37 16.78
C LEU A 247 27.52 4.27 15.35
N LYS A 248 26.59 4.11 14.42
CA LYS A 248 26.88 4.12 12.99
C LYS A 248 25.88 5.04 12.30
N PRO A 249 26.27 5.62 11.16
CA PRO A 249 25.31 6.39 10.37
C PRO A 249 24.20 5.51 9.81
N LEU A 250 23.00 6.08 9.70
CA LEU A 250 21.81 5.34 9.30
C LEU A 250 21.78 5.12 7.80
N CYS A 251 21.34 3.93 7.37
CA CYS A 251 21.26 3.55 5.96
C CYS A 251 19.81 3.57 5.52
N THR A 252 19.45 4.55 4.68
CA THR A 252 18.15 4.63 4.03
C THR A 252 18.38 5.08 2.59
N PHE A 253 17.33 4.97 1.76
CA PHE A 253 17.46 5.43 0.38
C PHE A 253 17.70 6.94 0.29
N GLU A 254 17.03 7.71 1.16
CA GLU A 254 17.17 9.16 1.06
C GLU A 254 18.58 9.62 1.36
N THR A 255 19.24 9.00 2.33
CA THR A 255 20.56 9.44 2.77
C THR A 255 21.71 8.86 1.96
N MET A 256 21.51 7.74 1.27
CA MET A 256 22.61 7.17 0.49
C MET A 256 22.92 8.04 -0.73
N GLN A 257 24.21 8.17 -1.02
CA GLN A 257 24.65 8.94 -2.16
C GLN A 257 24.23 8.25 -3.46
N PRO A 258 24.05 9.00 -4.54
CA PRO A 258 23.79 8.37 -5.85
C PRO A 258 24.92 7.42 -6.24
N GLN A 259 24.61 6.59 -7.24
CA GLN A 259 25.47 5.51 -7.73
C GLN A 259 25.49 4.36 -6.72
N ASP A 260 24.90 4.59 -5.55
CA ASP A 260 24.69 3.54 -4.55
C ASP A 260 23.26 3.05 -4.55
N VAL A 261 22.29 3.95 -4.73
CA VAL A 261 20.89 3.56 -4.77
C VAL A 261 20.60 2.68 -5.98
N LEU A 262 21.28 2.94 -7.10
CA LEU A 262 21.08 2.13 -8.30
C LEU A 262 21.45 0.66 -8.04
N ASN A 263 22.66 0.43 -7.53
CA ASN A 263 23.11 -0.94 -7.28
C ASN A 263 22.37 -1.60 -6.13
N VAL A 264 22.07 -0.86 -5.06
CA VAL A 264 21.28 -1.41 -3.96
C VAL A 264 19.91 -1.85 -4.45
N SER A 265 19.26 -1.02 -5.27
CA SER A 265 17.98 -1.39 -5.85
C SER A 265 18.13 -2.61 -6.75
N LYS A 266 19.20 -2.68 -7.53
CA LYS A 266 19.41 -3.85 -8.38
C LYS A 266 19.52 -5.13 -7.55
N CYS A 267 20.19 -5.06 -6.40
CA CYS A 267 20.32 -6.27 -5.57
C CYS A 267 19.02 -6.62 -4.86
N ILE A 268 18.27 -5.63 -4.35
CA ILE A 268 17.13 -5.95 -3.51
C ILE A 268 15.83 -6.07 -4.31
N LYS A 269 15.94 -6.15 -5.63
CA LYS A 269 14.79 -6.41 -6.50
C LYS A 269 15.04 -7.75 -7.18
N LEU A 270 14.64 -8.82 -6.50
CA LEU A 270 14.85 -10.18 -7.00
C LEU A 270 13.61 -10.69 -7.71
N SER A 271 13.84 -11.55 -8.70
CA SER A 271 12.74 -12.13 -9.45
C SER A 271 12.00 -13.15 -8.59
N ALA A 272 10.99 -13.77 -9.19
CA ALA A 272 10.23 -14.81 -8.48
C ALA A 272 11.09 -16.01 -8.19
N SER A 273 11.88 -16.47 -9.17
CA SER A 273 12.64 -17.70 -9.02
C SER A 273 13.67 -17.59 -7.91
N LYS A 274 14.51 -16.55 -7.96
CA LYS A 274 15.57 -16.41 -6.97
C LYS A 274 15.00 -16.17 -5.57
N ARG A 275 13.98 -15.33 -5.46
CA ARG A 275 13.37 -15.08 -4.16
C ARG A 275 12.80 -16.35 -3.56
N MET A 276 12.02 -17.10 -4.34
CA MET A 276 11.40 -18.32 -3.82
C MET A 276 12.46 -19.36 -3.47
N LYS A 277 13.48 -19.51 -4.32
CA LYS A 277 14.50 -20.51 -4.06
C LYS A 277 15.30 -20.18 -2.81
N CYS A 278 15.71 -18.92 -2.65
CA CYS A 278 16.43 -18.52 -1.45
C CYS A 278 15.55 -18.59 -0.21
N THR A 279 14.24 -18.42 -0.36
CA THR A 279 13.36 -18.53 0.79
C THR A 279 13.20 -19.99 1.22
N TYR A 280 13.07 -20.90 0.26
CA TYR A 280 12.87 -22.31 0.58
C TYR A 280 14.16 -22.99 1.03
N ARG A 281 15.32 -22.54 0.54
CA ARG A 281 16.58 -23.19 0.89
C ARG A 281 16.86 -23.09 2.38
N TRP A 282 16.67 -21.90 2.97
CA TRP A 282 16.93 -21.74 4.39
C TRP A 282 15.94 -22.50 5.25
N ILE A 283 14.68 -22.59 4.82
CA ILE A 283 13.70 -23.35 5.58
C ILE A 283 14.02 -24.84 5.54
N GLN A 284 14.43 -25.34 4.37
CA GLN A 284 14.86 -26.73 4.30
C GLN A 284 16.09 -26.98 5.16
N GLN A 285 17.00 -26.00 5.23
CA GLN A 285 18.15 -26.13 6.14
C GLN A 285 17.70 -26.17 7.59
N LEU A 286 16.71 -25.36 7.95
CA LEU A 286 16.25 -25.31 9.34
C LEU A 286 15.48 -26.56 9.73
N ARG A 287 14.80 -27.22 8.77
CA ARG A 287 14.07 -28.43 9.08
C ARG A 287 14.99 -29.53 9.61
N ALA A 288 16.22 -29.58 9.13
CA ALA A 288 17.13 -30.64 9.54
C ALA A 288 17.43 -30.57 11.03
N GLN A 289 17.67 -29.37 11.56
CA GLN A 289 18.03 -29.21 12.95
C GLN A 289 16.83 -29.20 13.90
N TYR A 290 15.61 -29.05 13.38
CA TYR A 290 14.41 -29.02 14.20
C TYR A 290 13.80 -30.41 14.28
N ARG A 291 13.46 -30.83 15.49
CA ARG A 291 12.95 -32.17 15.70
C ARG A 291 11.78 -32.25 16.68
N HIS A 292 11.27 -31.11 17.16
CA HIS A 292 10.06 -31.14 17.97
C HIS A 292 8.82 -31.42 17.13
N LEU A 293 8.82 -30.97 15.88
CA LEU A 293 7.72 -31.22 14.96
C LEU A 293 8.29 -31.78 13.66
N THR A 294 7.48 -32.59 12.98
CA THR A 294 7.86 -33.22 11.73
C THR A 294 6.95 -32.76 10.61
N PHE A 295 7.51 -32.65 9.41
CA PHE A 295 6.78 -32.20 8.23
C PHE A 295 6.97 -33.19 7.10
N ALA A 296 6.26 -32.95 6.01
CA ALA A 296 6.32 -33.81 4.84
C ALA A 296 7.65 -33.59 4.10
N PRO A 297 8.02 -34.51 3.20
CA PRO A 297 9.21 -34.26 2.37
C PRO A 297 9.11 -32.98 1.53
N ASN A 298 7.92 -32.64 1.06
CA ASN A 298 7.68 -31.42 0.29
C ASN A 298 6.49 -30.69 0.91
N PRO A 299 6.72 -29.93 1.98
CA PRO A 299 5.60 -29.31 2.69
C PRO A 299 5.06 -28.04 2.06
N PHE A 300 5.64 -27.57 0.95
CA PHE A 300 5.41 -26.22 0.47
C PHE A 300 4.33 -26.14 -0.61
N THR A 301 3.69 -27.25 -0.97
CA THR A 301 2.58 -27.18 -1.90
C THR A 301 1.31 -26.74 -1.17
N ILE A 302 0.26 -26.45 -1.95
CA ILE A 302 -1.00 -26.02 -1.34
C ILE A 302 -1.86 -27.20 -0.92
N ALA A 303 -1.68 -28.38 -1.51
CA ALA A 303 -2.39 -29.56 -1.05
C ALA A 303 -1.97 -29.94 0.36
N GLN A 304 -0.67 -29.84 0.66
CA GLN A 304 -0.19 -30.13 2.00
C GLN A 304 -0.64 -29.08 3.01
N ASN A 305 -1.05 -27.91 2.55
CA ASN A 305 -1.51 -26.85 3.44
C ASN A 305 -3.03 -26.79 3.58
N GLY A 306 -3.77 -27.40 2.66
CA GLY A 306 -5.21 -27.44 2.73
C GLY A 306 -5.92 -26.45 1.83
N TYR A 307 -5.21 -25.53 1.18
CA TYR A 307 -5.85 -24.58 0.30
C TYR A 307 -6.34 -25.28 -0.97
N LYS A 308 -7.27 -24.63 -1.66
CA LYS A 308 -7.71 -25.07 -2.97
C LYS A 308 -7.61 -23.91 -3.95
N LEU A 309 -7.46 -24.25 -5.23
CA LEU A 309 -7.04 -23.33 -6.27
C LEU A 309 -8.22 -22.90 -7.12
N ASP A 310 -8.33 -21.60 -7.37
CA ASP A 310 -9.32 -21.03 -8.27
C ASP A 310 -8.65 -20.02 -9.20
N GLN A 311 -9.15 -19.94 -10.43
CA GLN A 311 -8.60 -19.03 -11.43
C GLN A 311 -9.72 -18.16 -11.97
N LEU A 312 -9.66 -16.87 -11.67
CA LEU A 312 -10.64 -15.91 -12.13
C LEU A 312 -10.30 -15.42 -13.54
N SER A 313 -11.24 -14.66 -14.12
CA SER A 313 -11.11 -14.17 -15.48
C SER A 313 -11.24 -12.66 -15.50
N THR A 314 -10.77 -12.07 -16.60
CA THR A 314 -10.77 -10.61 -16.75
C THR A 314 -12.18 -10.13 -17.09
N PRO A 315 -12.71 -9.16 -16.36
CA PRO A 315 -14.05 -8.66 -16.67
C PRO A 315 -14.08 -7.85 -17.96
N LYS A 316 -15.30 -7.68 -18.47
CA LYS A 316 -15.54 -6.83 -19.63
C LYS A 316 -15.82 -5.40 -19.17
N VAL A 317 -15.26 -4.44 -19.90
CA VAL A 317 -15.45 -3.02 -19.60
C VAL A 317 -16.36 -2.42 -20.66
N HIS A 318 -16.96 -1.27 -20.32
CA HIS A 318 -17.99 -0.66 -21.15
C HIS A 318 -17.55 0.73 -21.60
N PHE A 319 -17.08 0.82 -22.85
CA PHE A 319 -16.87 2.10 -23.53
C PHE A 319 -17.92 2.17 -24.63
N HIS A 320 -19.14 2.58 -24.26
CA HIS A 320 -20.30 2.67 -25.15
C HIS A 320 -20.53 1.36 -25.91
N ARG A 321 -19.85 0.30 -25.50
CA ARG A 321 -19.94 -1.05 -26.04
C ARG A 321 -19.09 -1.94 -25.14
N ASP A 322 -18.94 -3.20 -25.53
CA ASP A 322 -18.16 -4.16 -24.76
C ASP A 322 -16.74 -4.21 -25.29
N TYR A 323 -15.76 -4.03 -24.40
CA TYR A 323 -14.34 -4.07 -24.74
C TYR A 323 -13.63 -5.08 -23.85
N ALA A 324 -12.69 -5.81 -24.44
CA ALA A 324 -11.98 -6.85 -23.70
C ALA A 324 -11.08 -6.25 -22.61
N THR A 325 -10.36 -5.18 -22.93
CA THR A 325 -9.44 -4.55 -22.00
C THR A 325 -9.67 -3.05 -21.96
N VAL A 326 -9.09 -2.41 -20.95
CA VAL A 326 -9.20 -0.96 -20.81
C VAL A 326 -8.39 -0.26 -21.89
N VAL A 327 -7.18 -0.77 -22.17
CA VAL A 327 -6.29 -0.12 -23.14
C VAL A 327 -6.93 -0.15 -24.53
N SER A 328 -7.50 -1.29 -24.92
CA SER A 328 -8.15 -1.39 -26.22
C SER A 328 -9.31 -0.42 -26.33
N GLY A 329 -10.12 -0.30 -25.28
CA GLY A 329 -11.22 0.63 -25.31
C GLY A 329 -10.78 2.08 -25.38
N MET A 330 -9.69 2.41 -24.69
CA MET A 330 -9.24 3.80 -24.67
C MET A 330 -8.53 4.21 -25.95
N LYS A 331 -7.84 3.26 -26.61
CA LYS A 331 -7.11 3.62 -27.82
C LYS A 331 -8.05 3.83 -29.00
N THR A 332 -9.08 3.00 -29.13
CA THR A 332 -9.96 3.02 -30.29
C THR A 332 -11.43 2.98 -29.86
N GLY A 333 -11.80 3.85 -28.92
CA GLY A 333 -13.18 3.90 -28.47
C GLY A 333 -13.52 5.19 -27.79
N LYS A 334 -14.82 5.46 -27.71
CA LYS A 334 -15.35 6.65 -27.07
C LYS A 334 -15.71 6.37 -25.61
N LEU A 335 -15.83 7.44 -24.83
CA LEU A 335 -16.11 7.30 -23.42
C LEU A 335 -17.55 6.87 -23.19
N TYR A 336 -17.81 6.40 -21.96
CA TYR A 336 -19.16 5.96 -21.60
C TYR A 336 -20.10 7.14 -21.39
N LYS A 337 -19.58 8.25 -20.86
CA LYS A 337 -20.40 9.44 -20.61
C LYS A 337 -19.54 10.67 -20.93
N GLY A 338 -19.71 11.21 -22.13
CA GLY A 338 -18.94 12.37 -22.54
C GLY A 338 -19.43 13.67 -21.91
N GLY A 339 -19.27 14.77 -22.61
CA GLY A 339 -19.71 16.06 -22.11
C GLY A 339 -18.81 17.17 -22.61
N ASN A 340 -18.84 18.29 -21.87
CA ASN A 340 -18.08 19.48 -22.21
C ASN A 340 -17.25 19.92 -21.01
N ILE A 341 -16.04 20.36 -21.27
CA ILE A 341 -15.10 20.79 -20.23
C ILE A 341 -14.60 22.19 -20.57
N LYS A 342 -14.59 23.07 -19.58
CA LYS A 342 -14.03 24.40 -19.72
C LYS A 342 -12.73 24.46 -18.93
N ILE A 343 -11.60 24.52 -19.63
CA ILE A 343 -10.30 24.49 -19.00
C ILE A 343 -9.72 25.91 -18.96
N SER A 344 -8.81 26.12 -18.02
CA SER A 344 -8.08 27.37 -17.88
C SER A 344 -6.59 27.05 -17.77
N VAL A 345 -5.76 28.09 -17.83
CA VAL A 345 -4.32 27.93 -17.91
C VAL A 345 -3.67 28.75 -16.81
N LEU A 346 -2.81 28.12 -16.02
CA LEU A 346 -1.95 28.80 -15.05
C LEU A 346 -0.51 28.53 -15.47
N PHE A 347 0.16 29.55 -16.00
CA PHE A 347 1.51 29.43 -16.54
C PHE A 347 2.43 30.33 -15.76
N ASP A 348 3.55 29.78 -15.29
CA ASP A 348 4.54 30.54 -14.55
C ASP A 348 5.69 30.93 -15.46
N GLU A 349 6.23 32.14 -15.25
CA GLU A 349 7.23 32.68 -16.15
C GLU A 349 8.55 31.92 -16.10
N ASP A 350 8.76 31.09 -15.07
CA ASP A 350 10.04 30.39 -14.96
C ASP A 350 10.27 29.44 -16.12
N PHE A 351 9.19 28.91 -16.72
CA PHE A 351 9.34 28.06 -17.90
C PHE A 351 10.13 28.77 -18.99
N TYR A 352 10.05 30.10 -19.05
CA TYR A 352 10.85 30.87 -20.00
C TYR A 352 12.11 31.44 -19.37
N LEU A 353 12.14 31.64 -18.06
CA LEU A 353 13.28 32.31 -17.45
C LEU A 353 14.41 31.34 -17.13
N LYS A 354 14.09 30.23 -16.47
CA LYS A 354 15.09 29.21 -16.14
C LYS A 354 15.18 28.11 -17.19
N HIS A 355 14.07 27.78 -17.83
CA HIS A 355 14.04 26.83 -18.92
C HIS A 355 13.70 27.54 -20.22
N HIS A 356 13.53 26.78 -21.29
CA HIS A 356 13.27 27.35 -22.62
C HIS A 356 11.88 26.98 -23.12
N ILE A 357 10.88 27.10 -22.25
CA ILE A 357 9.50 26.78 -22.57
C ILE A 357 8.71 28.08 -22.60
N THR A 358 8.10 28.38 -23.74
CA THR A 358 7.30 29.58 -23.91
C THR A 358 5.81 29.25 -23.82
N LYS A 359 5.01 30.30 -23.62
CA LYS A 359 3.56 30.11 -23.55
C LYS A 359 3.01 29.60 -24.86
N LYS A 360 3.64 29.97 -25.98
CA LYS A 360 3.22 29.43 -27.27
C LYS A 360 3.38 27.91 -27.31
N ASP A 361 4.48 27.40 -26.76
CA ASP A 361 4.67 25.96 -26.67
C ASP A 361 3.66 25.32 -25.74
N ILE A 362 3.28 25.99 -24.67
CA ILE A 362 2.26 25.46 -23.76
C ILE A 362 0.93 25.31 -24.49
N TYR A 363 0.53 26.35 -25.23
CA TYR A 363 -0.73 26.25 -25.97
C TYR A 363 -0.63 25.27 -27.14
N GLN A 364 0.58 25.07 -27.68
CA GLN A 364 0.77 24.01 -28.67
C GLN A 364 0.55 22.64 -28.04
N PHE A 365 1.06 22.45 -26.82
CA PHE A 365 0.84 21.18 -26.11
C PHE A 365 -0.63 20.97 -25.80
N ILE A 366 -1.33 22.02 -25.36
CA ILE A 366 -2.74 21.88 -25.02
C ILE A 366 -3.57 21.59 -26.27
N ALA A 367 -3.19 22.16 -27.41
CA ALA A 367 -3.92 21.91 -28.65
C ALA A 367 -3.92 20.42 -29.00
N VAL A 368 -2.88 19.69 -28.61
CA VAL A 368 -2.87 18.25 -28.81
C VAL A 368 -3.91 17.58 -27.91
N LEU A 369 -4.06 18.07 -26.68
CA LEU A 369 -5.04 17.50 -25.76
C LEU A 369 -6.46 17.65 -26.29
N GLN A 370 -6.78 18.83 -26.84
CA GLN A 370 -8.13 19.08 -27.33
C GLN A 370 -8.48 18.23 -28.54
N LYS A 371 -7.49 17.73 -29.27
CA LYS A 371 -7.76 16.95 -30.46
C LYS A 371 -7.96 15.46 -30.15
N ILE A 372 -7.27 14.93 -29.15
CA ILE A 372 -7.53 13.57 -28.71
C ILE A 372 -8.88 13.49 -28.01
N ALA A 373 -9.22 14.52 -27.23
CA ALA A 373 -10.46 14.50 -26.46
C ALA A 373 -11.69 14.56 -27.37
N ILE A 374 -11.61 15.33 -28.45
CA ILE A 374 -12.77 15.49 -29.32
C ILE A 374 -13.16 14.18 -29.99
N ALA A 375 -12.23 13.25 -30.11
CA ALA A 375 -12.52 11.93 -30.67
C ALA A 375 -13.12 10.97 -29.66
N GLN A 376 -13.24 11.38 -28.39
CA GLN A 376 -13.83 10.56 -27.34
C GLN A 376 -15.14 11.13 -26.82
N GLY A 377 -15.76 12.05 -27.56
CA GLY A 377 -17.01 12.64 -27.14
C GLY A 377 -16.89 13.76 -26.12
N VAL A 378 -15.68 14.19 -25.80
CA VAL A 378 -15.45 15.26 -24.84
C VAL A 378 -14.94 16.49 -25.59
N ASN A 379 -15.55 17.64 -25.34
CA ASN A 379 -15.18 18.89 -25.98
C ASN A 379 -14.62 19.83 -24.93
N MET A 380 -13.40 20.31 -25.15
CA MET A 380 -12.71 21.19 -24.21
C MET A 380 -12.53 22.57 -24.82
N THR A 381 -12.82 23.60 -24.03
CA THR A 381 -12.70 24.99 -24.44
C THR A 381 -11.91 25.76 -23.40
N ILE A 382 -11.02 26.64 -23.85
CA ILE A 382 -10.16 27.40 -22.97
C ILE A 382 -10.82 28.74 -22.66
N SER A 383 -10.94 29.05 -21.38
CA SER A 383 -11.51 30.33 -20.96
C SER A 383 -10.55 31.47 -21.33
N THR A 384 -11.13 32.61 -21.69
CA THR A 384 -10.36 33.77 -22.11
C THR A 384 -10.06 34.74 -20.98
N SER A 385 -10.48 34.43 -19.75
CA SER A 385 -10.26 35.34 -18.64
C SER A 385 -8.80 35.41 -18.21
N THR A 386 -7.97 34.44 -18.64
CA THR A 386 -6.57 34.42 -18.26
C THR A 386 -5.75 35.52 -18.94
N LYS A 387 -6.31 36.20 -19.95
CA LYS A 387 -5.57 37.25 -20.62
C LYS A 387 -5.46 38.51 -19.77
N SER A 388 -6.44 38.76 -18.91
CA SER A 388 -6.42 39.97 -18.08
C SER A 388 -5.36 39.91 -17.01
N ILE A 389 -4.91 38.72 -16.63
CA ILE A 389 -3.91 38.56 -15.58
C ILE A 389 -2.59 38.12 -16.19
N THR A 390 -2.36 38.48 -17.45
CA THR A 390 -1.13 38.09 -18.11
C THR A 390 0.08 38.73 -17.44
N GLY A 391 1.21 38.04 -17.50
CA GLY A 391 2.43 38.50 -16.87
C GLY A 391 2.57 38.17 -15.40
N LYS A 392 1.56 37.55 -14.79
CA LYS A 392 1.61 37.18 -13.39
C LYS A 392 2.34 35.85 -13.23
N PHE A 393 2.25 35.26 -12.04
CA PHE A 393 2.83 33.95 -11.75
C PHE A 393 4.35 33.96 -11.94
N THR A 394 5.00 34.96 -11.36
CA THR A 394 6.44 35.07 -11.38
C THR A 394 7.03 34.42 -10.12
N ASP A 395 8.32 34.61 -9.89
CA ASP A 395 8.94 34.14 -8.66
C ASP A 395 8.33 34.83 -7.44
N ASP A 396 8.09 36.14 -7.55
CA ASP A 396 7.47 36.87 -6.45
C ASP A 396 6.07 36.37 -6.17
N PHE A 397 5.32 36.00 -7.22
CA PHE A 397 4.00 35.45 -7.01
C PHE A 397 4.07 34.14 -6.24
N PHE A 398 5.02 33.27 -6.58
CA PHE A 398 5.12 32.00 -5.87
C PHE A 398 5.82 32.13 -4.53
N HIS A 399 6.36 33.30 -4.22
CA HIS A 399 6.85 33.56 -2.87
C HIS A 399 5.81 34.27 -1.99
N HIS A 400 4.83 34.93 -2.59
CA HIS A 400 3.77 35.60 -1.83
C HIS A 400 2.38 35.10 -2.25
N PHE A 401 2.31 33.84 -2.67
CA PHE A 401 1.05 33.18 -3.04
C PHE A 401 -0.08 33.47 -2.05
N THR A 402 0.21 33.41 -0.76
CA THR A 402 -0.84 33.60 0.24
C THR A 402 -1.48 34.98 0.11
N GLU A 403 -0.67 36.01 -0.12
CA GLU A 403 -1.20 37.36 -0.31
C GLU A 403 -1.82 37.54 -1.69
N GLU A 404 -1.29 36.87 -2.71
CA GLU A 404 -1.67 37.18 -4.09
C GLU A 404 -2.81 36.34 -4.63
N VAL A 405 -3.18 35.24 -3.96
CA VAL A 405 -4.15 34.32 -4.54
C VAL A 405 -5.58 34.78 -4.35
N GLU A 406 -5.85 35.65 -3.37
CA GLU A 406 -7.23 35.96 -3.00
C GLU A 406 -7.99 36.60 -4.16
N ALA A 407 -7.35 37.51 -4.88
CA ALA A 407 -8.01 38.18 -6.00
C ALA A 407 -8.02 37.36 -7.28
N LEU A 408 -7.38 36.20 -7.28
CA LEU A 408 -7.28 35.37 -8.47
C LEU A 408 -8.45 34.40 -8.63
N GLN A 409 -9.34 34.32 -7.65
CA GLN A 409 -10.44 33.36 -7.71
C GLN A 409 -11.40 33.59 -8.88
N PRO A 410 -11.90 34.81 -9.13
CA PRO A 410 -12.92 34.96 -10.19
C PRO A 410 -12.43 34.59 -11.58
N ILE A 411 -11.12 34.59 -11.82
CA ILE A 411 -10.61 34.26 -13.15
C ILE A 411 -10.83 32.78 -13.44
N PHE A 412 -10.60 31.92 -12.45
CA PHE A 412 -10.61 30.47 -12.64
C PHE A 412 -11.92 29.82 -12.21
N ALA A 413 -12.96 30.61 -11.95
CA ALA A 413 -14.22 30.06 -11.48
C ALA A 413 -14.88 29.23 -12.58
N GLN A 414 -15.55 28.16 -12.15
CA GLN A 414 -16.31 27.26 -13.03
C GLN A 414 -15.43 26.71 -14.15
N THR A 415 -14.18 26.39 -13.85
CA THR A 415 -13.27 25.83 -14.83
C THR A 415 -12.39 24.77 -14.16
N THR A 416 -11.74 23.96 -14.99
CA THR A 416 -10.76 22.99 -14.53
C THR A 416 -9.37 23.55 -14.82
N VAL A 417 -8.66 23.95 -13.76
CA VAL A 417 -7.37 24.62 -13.92
C VAL A 417 -6.32 23.62 -14.35
N LEU A 418 -5.46 24.04 -15.27
CA LEU A 418 -4.32 23.26 -15.74
C LEU A 418 -3.06 24.01 -15.32
N ALA A 419 -2.60 23.74 -14.10
CA ALA A 419 -1.44 24.45 -13.57
C ALA A 419 -0.17 23.93 -14.21
N PHE A 420 0.66 24.85 -14.69
CA PHE A 420 1.95 24.56 -15.31
C PHE A 420 3.02 25.21 -14.44
N ILE A 421 3.55 24.45 -13.48
CA ILE A 421 4.47 24.97 -12.47
C ILE A 421 5.75 24.14 -12.50
N THR A 422 6.88 24.82 -12.34
CA THR A 422 8.17 24.13 -12.28
C THR A 422 8.24 23.24 -11.03
N SER A 423 8.92 22.11 -11.17
CA SER A 423 9.03 21.17 -10.06
C SER A 423 9.76 21.77 -8.87
N THR A 424 10.68 22.70 -9.13
CA THR A 424 11.42 23.34 -8.03
C THR A 424 10.47 24.11 -7.11
N HIS A 425 9.52 24.84 -7.69
CA HIS A 425 8.56 25.58 -6.87
C HIS A 425 7.69 24.65 -6.06
N LEU A 426 7.26 23.54 -6.66
CA LEU A 426 6.40 22.59 -5.95
C LEU A 426 7.15 21.92 -4.80
N SER A 427 8.43 21.57 -5.02
CA SER A 427 9.18 20.80 -4.04
C SER A 427 9.83 21.67 -2.97
N ASN A 428 10.28 22.87 -3.32
CA ASN A 428 11.05 23.70 -2.39
C ASN A 428 10.23 24.04 -1.15
N LYS A 429 10.85 23.87 0.02
CA LYS A 429 10.16 24.14 1.27
C LYS A 429 9.97 25.63 1.52
N LYS A 430 10.74 26.49 0.87
CA LYS A 430 10.52 27.93 0.98
C LYS A 430 9.17 28.32 0.39
N THR A 431 8.82 27.73 -0.75
CA THR A 431 7.56 28.04 -1.43
C THR A 431 6.46 27.07 -1.04
N ARG A 432 6.69 25.77 -1.24
CA ARG A 432 5.68 24.73 -0.99
C ARG A 432 4.41 25.06 -1.78
N SER A 433 4.58 25.30 -3.07
CA SER A 433 3.47 25.81 -3.88
C SER A 433 2.39 24.77 -4.11
N TYR A 434 2.76 23.49 -4.15
CA TYR A 434 1.76 22.45 -4.43
C TYR A 434 0.72 22.37 -3.33
N GLN A 435 1.17 22.33 -2.07
CA GLN A 435 0.24 22.22 -0.96
C GLN A 435 -0.68 23.43 -0.87
N LEU A 436 -0.12 24.63 -1.03
CA LEU A 436 -0.95 25.83 -0.99
C LEU A 436 -1.93 25.88 -2.15
N LEU A 437 -1.49 25.48 -3.34
CA LEU A 437 -2.38 25.44 -4.49
C LEU A 437 -3.55 24.51 -4.25
N LYS A 438 -3.27 23.31 -3.74
CA LYS A 438 -4.35 22.36 -3.46
C LYS A 438 -5.27 22.87 -2.35
N GLN A 439 -4.70 23.48 -1.31
CA GLN A 439 -5.51 23.96 -0.19
C GLN A 439 -6.40 25.12 -0.61
N TYR A 440 -5.95 25.93 -1.56
CA TYR A 440 -6.74 27.09 -1.96
C TYR A 440 -7.67 26.81 -3.13
N PHE A 441 -7.41 25.77 -3.92
CA PHE A 441 -8.29 25.46 -5.03
C PHE A 441 -9.29 24.34 -4.73
N GLY A 442 -8.88 23.32 -3.98
CA GLY A 442 -9.79 22.26 -3.61
C GLY A 442 -10.38 22.47 -2.23
N GLY A 443 -9.54 22.90 -1.28
CA GLY A 443 -10.03 23.17 0.06
C GLY A 443 -10.86 24.43 0.15
N LYS A 444 -10.79 25.29 -0.87
CA LYS A 444 -11.63 26.47 -0.97
C LYS A 444 -11.97 26.68 -2.43
N TRP A 445 -13.15 27.28 -2.67
CA TRP A 445 -13.64 27.65 -4.00
C TRP A 445 -14.07 26.43 -4.79
N ASP A 446 -13.74 25.24 -4.28
CA ASP A 446 -14.10 23.95 -4.90
C ASP A 446 -13.78 23.95 -6.39
N ILE A 447 -12.49 24.08 -6.70
CA ILE A 447 -12.01 24.11 -8.08
C ILE A 447 -11.02 22.96 -8.27
N ALA A 448 -11.28 22.13 -9.28
CA ALA A 448 -10.38 21.01 -9.59
C ALA A 448 -9.24 21.50 -10.46
N SER A 449 -8.02 21.10 -10.10
CA SER A 449 -6.82 21.52 -10.81
C SER A 449 -5.90 20.33 -11.05
N GLN A 450 -5.27 20.31 -12.22
CA GLN A 450 -4.30 19.29 -12.58
C GLN A 450 -2.94 19.95 -12.75
N VAL A 451 -1.93 19.43 -12.05
CA VAL A 451 -0.61 20.03 -11.99
C VAL A 451 0.31 19.30 -12.96
N ILE A 452 1.09 20.06 -13.74
CA ILE A 452 2.07 19.51 -14.66
C ILE A 452 3.40 20.23 -14.42
N THR A 453 4.47 19.46 -14.25
CA THR A 453 5.79 20.02 -14.01
C THR A 453 6.54 20.19 -15.34
N GLU A 454 7.77 20.68 -15.26
CA GLU A 454 8.53 20.97 -16.47
C GLU A 454 9.13 19.71 -17.08
N LYS A 455 9.25 18.62 -16.33
CA LYS A 455 9.86 17.40 -16.87
C LYS A 455 8.98 16.78 -17.95
N THR A 456 7.66 16.79 -17.74
CA THR A 456 6.75 16.27 -18.77
C THR A 456 6.85 17.08 -20.05
N ILE A 457 6.88 18.41 -19.94
CA ILE A 457 6.97 19.26 -21.12
C ILE A 457 8.32 19.08 -21.80
N GLU A 458 9.39 18.92 -21.01
CA GLU A 458 10.71 18.71 -21.59
C GLU A 458 10.77 17.40 -22.35
N ALA A 459 10.17 16.33 -21.82
CA ALA A 459 10.12 15.07 -22.53
C ALA A 459 9.30 15.18 -23.81
N PHE A 460 8.16 15.87 -23.73
CA PHE A 460 7.32 16.05 -24.92
C PHE A 460 8.07 16.82 -25.99
N GLN A 461 8.77 17.89 -25.61
CA GLN A 461 9.54 18.68 -26.57
C GLN A 461 10.72 17.90 -27.13
N LYS A 462 11.39 17.08 -26.30
CA LYS A 462 12.48 16.26 -26.81
C LYS A 462 11.99 15.30 -27.87
N ILE A 463 10.86 14.64 -27.61
CA ILE A 463 10.28 13.74 -28.60
C ILE A 463 9.85 14.51 -29.85
N LEU A 464 9.34 15.72 -29.67
CA LEU A 464 8.93 16.53 -30.81
C LEU A 464 10.12 16.88 -31.69
N HIS A 465 11.23 17.31 -31.09
CA HIS A 465 12.43 17.61 -31.88
C HIS A 465 12.99 16.36 -32.55
N LYS A 466 13.00 15.23 -31.84
CA LYS A 466 13.67 14.05 -32.37
C LYS A 466 12.95 13.46 -33.58
N HIS A 467 11.69 13.84 -33.83
CA HIS A 467 10.94 13.39 -35.00
C HIS A 467 10.66 14.52 -35.98
N GLY A 468 11.40 15.61 -35.92
CA GLY A 468 11.13 16.73 -36.81
C GLY A 468 9.80 17.38 -36.49
N LEU A 469 9.12 17.87 -37.54
CA LEU A 469 7.77 18.45 -37.44
C LEU A 469 7.65 19.45 -36.28
N LYS A 470 8.76 20.11 -35.94
CA LYS A 470 8.79 21.11 -34.88
C LYS A 470 8.42 22.50 -35.38
N ASN A 471 8.29 22.68 -36.69
CA ASN A 471 8.07 24.02 -37.24
C ASN A 471 6.76 24.63 -36.77
N PHE A 472 5.68 23.85 -36.80
CA PHE A 472 4.38 24.40 -36.46
C PHE A 472 3.47 23.29 -35.96
N TYR A 473 2.42 23.69 -35.25
CA TYR A 473 1.41 22.79 -34.73
C TYR A 473 0.18 23.62 -34.36
N PRO A 474 -0.72 23.02 -33.59
CA PRO A 474 -1.91 23.70 -33.07
C PRO A 474 -2.85 24.13 -34.19
N ASN A 475 -2.76 25.39 -34.61
CA ASN A 475 -3.67 25.93 -35.61
C ASN A 475 -3.56 25.17 -36.92
N ASP A 476 -4.54 25.42 -37.80
CA ASP A 476 -4.65 24.82 -39.13
C ASP A 476 -4.99 23.33 -39.05
N GLU A 477 -5.09 22.80 -37.83
CA GLU A 477 -5.47 21.42 -37.53
C GLU A 477 -4.92 20.40 -38.52
N GLN A 478 -3.66 20.55 -38.90
CA GLN A 478 -3.00 19.58 -39.77
C GLN A 478 -1.76 18.95 -39.14
N HIS A 479 -0.96 19.74 -38.42
CA HIS A 479 0.20 19.18 -37.74
C HIS A 479 -0.19 18.41 -36.49
N CYS A 480 -1.36 18.70 -35.92
CA CYS A 480 -1.81 17.97 -34.74
C CYS A 480 -2.02 16.50 -35.04
N LEU A 481 -2.58 16.18 -36.22
CA LEU A 481 -2.79 14.79 -36.58
C LEU A 481 -1.46 14.04 -36.68
N ARG A 482 -0.46 14.66 -37.29
CA ARG A 482 0.85 14.03 -37.38
C ARG A 482 1.49 13.88 -36.01
N VAL A 483 1.32 14.88 -35.14
CA VAL A 483 1.86 14.79 -33.79
C VAL A 483 1.22 13.63 -33.04
N ILE A 484 -0.09 13.47 -33.16
CA ILE A 484 -0.77 12.36 -32.49
C ILE A 484 -0.33 11.03 -33.07
N ASP A 485 -0.15 10.95 -34.39
CA ASP A 485 0.31 9.71 -35.00
C ASP A 485 1.71 9.35 -34.52
N VAL A 486 2.58 10.34 -34.36
CA VAL A 486 3.90 10.09 -33.80
C VAL A 486 3.81 9.63 -32.36
N LEU A 487 2.96 10.29 -31.56
CA LEU A 487 2.85 9.96 -30.14
C LEU A 487 2.31 8.55 -29.93
N LYS A 488 1.40 8.11 -30.80
CA LYS A 488 0.70 6.84 -30.60
C LYS A 488 1.61 5.62 -30.64
N ASN A 489 2.84 5.76 -31.13
CA ASN A 489 3.73 4.62 -31.32
C ASN A 489 4.90 4.60 -30.34
N GLU A 490 4.79 5.27 -29.20
CA GLU A 490 5.86 5.31 -28.22
C GLU A 490 5.29 5.21 -26.82
N SER A 491 6.20 5.26 -25.83
CA SER A 491 5.79 5.15 -24.44
C SER A 491 5.18 6.45 -23.90
N PHE A 492 5.43 7.58 -24.55
CA PHE A 492 4.83 8.83 -24.11
C PHE A 492 3.42 8.96 -24.68
N TYR A 493 2.62 7.92 -24.48
CA TYR A 493 1.20 7.93 -24.79
C TYR A 493 0.34 7.77 -23.55
N TYR A 494 0.84 7.04 -22.56
CA TYR A 494 0.16 6.91 -21.27
C TYR A 494 0.24 8.17 -20.44
N THR A 495 1.26 9.01 -20.67
CA THR A 495 1.35 10.26 -19.92
C THR A 495 0.25 11.23 -20.33
N VAL A 496 0.09 11.43 -21.65
CA VAL A 496 -0.97 12.29 -22.16
C VAL A 496 -2.33 11.75 -21.77
N MET A 497 -2.51 10.43 -21.90
CA MET A 497 -3.80 9.82 -21.57
C MET A 497 -4.10 9.90 -20.08
N ASN A 498 -3.08 9.79 -19.23
CA ASN A 498 -3.31 9.92 -17.79
C ASN A 498 -3.63 11.36 -17.41
N ILE A 499 -2.99 12.33 -18.08
CA ILE A 499 -3.37 13.73 -17.87
C ILE A 499 -4.82 13.95 -18.26
N LEU A 500 -5.21 13.42 -19.43
CA LEU A 500 -6.58 13.56 -19.89
C LEU A 500 -7.56 12.88 -18.94
N LEU A 501 -7.21 11.70 -18.44
CA LEU A 501 -8.08 10.97 -17.52
C LEU A 501 -8.24 11.73 -16.20
N GLY A 502 -7.15 12.30 -15.69
CA GLY A 502 -7.27 13.16 -14.53
C GLY A 502 -8.20 14.33 -14.77
N VAL A 503 -8.09 14.96 -15.95
CA VAL A 503 -8.96 16.08 -16.28
C VAL A 503 -10.42 15.63 -16.31
N TYR A 504 -10.69 14.51 -16.98
CA TYR A 504 -12.05 13.99 -17.08
C TYR A 504 -12.63 13.70 -15.71
N VAL A 505 -11.90 12.93 -14.91
CA VAL A 505 -12.43 12.48 -13.62
C VAL A 505 -12.61 13.66 -12.66
N LYS A 506 -11.69 14.62 -12.69
CA LYS A 506 -11.85 15.81 -11.86
C LYS A 506 -12.96 16.71 -12.38
N SER A 507 -13.38 16.55 -13.63
CA SER A 507 -14.45 17.36 -14.21
C SER A 507 -15.70 16.54 -14.50
N GLY A 508 -15.99 15.56 -13.64
CA GLY A 508 -17.26 14.86 -13.68
C GLY A 508 -17.56 14.02 -14.91
N ILE A 509 -16.61 13.20 -15.36
CA ILE A 509 -16.79 12.30 -16.49
C ILE A 509 -16.46 10.88 -16.06
N GLN A 510 -17.32 9.94 -16.43
CA GLN A 510 -17.08 8.52 -16.19
C GLN A 510 -16.56 7.89 -17.47
N PRO A 511 -15.30 7.49 -17.53
CA PRO A 511 -14.76 6.92 -18.78
C PRO A 511 -15.38 5.59 -19.17
N TRP A 512 -15.45 4.65 -18.23
CA TRP A 512 -16.01 3.34 -18.52
C TRP A 512 -16.55 2.75 -17.23
N ILE A 513 -17.37 1.70 -17.39
CA ILE A 513 -17.91 0.93 -16.28
C ILE A 513 -17.77 -0.54 -16.61
N LEU A 514 -18.13 -1.39 -15.65
CA LEU A 514 -18.14 -2.83 -15.87
C LEU A 514 -19.35 -3.23 -16.71
N ALA A 515 -19.14 -4.20 -17.59
CA ALA A 515 -20.20 -4.62 -18.50
C ALA A 515 -21.15 -5.65 -17.89
N ASN A 516 -20.84 -6.18 -16.71
CA ASN A 516 -21.69 -7.16 -16.06
C ASN A 516 -21.84 -6.78 -14.59
N THR A 517 -23.06 -6.89 -14.09
CA THR A 517 -23.35 -6.52 -12.71
C THR A 517 -22.72 -7.51 -11.74
N THR A 518 -22.27 -7.00 -10.60
CA THR A 518 -21.72 -7.84 -9.55
C THR A 518 -22.82 -8.58 -8.81
N HIS A 519 -22.42 -9.60 -8.05
CA HIS A 519 -23.38 -10.40 -7.31
C HIS A 519 -24.13 -9.55 -6.28
N SER A 520 -23.40 -8.70 -5.55
CA SER A 520 -24.04 -7.77 -4.65
C SER A 520 -24.54 -6.55 -5.41
N ASP A 521 -25.45 -5.81 -4.78
CA ASP A 521 -26.05 -4.63 -5.38
C ASP A 521 -25.50 -3.32 -4.82
N CYS A 522 -24.58 -3.38 -3.86
CA CYS A 522 -24.11 -2.18 -3.18
C CYS A 522 -22.83 -2.46 -2.42
N PHE A 523 -21.82 -1.60 -2.60
CA PHE A 523 -20.54 -1.74 -1.92
C PHE A 523 -20.25 -0.48 -1.12
N ILE A 524 -19.84 -0.66 0.12
CA ILE A 524 -19.47 0.44 1.00
C ILE A 524 -18.04 0.19 1.47
N GLY A 525 -17.13 1.11 1.13
CA GLY A 525 -15.73 0.97 1.49
C GLY A 525 -15.38 1.89 2.65
N ILE A 526 -14.69 1.33 3.64
CA ILE A 526 -14.30 2.05 4.84
C ILE A 526 -12.77 2.03 4.96
N ASP A 527 -12.18 3.21 5.18
CA ASP A 527 -10.74 3.33 5.33
C ASP A 527 -10.42 4.40 6.37
N VAL A 528 -9.27 4.26 7.02
CA VAL A 528 -8.80 5.20 8.04
C VAL A 528 -7.31 5.45 7.83
N SER A 529 -6.84 6.64 8.22
CA SER A 529 -5.42 6.96 8.18
C SER A 529 -4.96 7.47 9.54
N HIS A 530 -3.72 7.14 9.89
CA HIS A 530 -3.20 7.49 11.21
C HIS A 530 -2.69 8.92 11.25
N GLU A 531 -1.66 9.23 10.45
CA GLU A 531 -1.04 10.55 10.38
C GLU A 531 -0.50 11.01 11.73
N ASN A 532 -0.03 10.06 12.55
CA ASN A 532 0.71 10.34 13.79
C ASN A 532 -0.09 11.27 14.72
N GLY A 533 -1.21 10.74 15.18
CA GLY A 533 -2.06 11.50 16.09
C GLY A 533 -3.51 11.57 15.64
N ASN A 534 -3.97 12.78 15.32
CA ASN A 534 -5.33 12.94 14.83
C ASN A 534 -5.54 12.14 13.55
N SER A 535 -6.65 11.40 13.50
CA SER A 535 -6.91 10.44 12.43
C SER A 535 -8.07 10.92 11.57
N ALA A 536 -7.89 10.82 10.26
CA ALA A 536 -8.94 11.14 9.30
C ALA A 536 -9.35 9.85 8.58
N ALA A 537 -10.66 9.70 8.37
CA ALA A 537 -11.16 8.48 7.77
C ALA A 537 -12.11 8.78 6.61
N GLY A 538 -12.69 7.73 6.04
CA GLY A 538 -13.57 7.90 4.90
C GLY A 538 -14.44 6.69 4.63
N MET A 539 -15.72 6.95 4.36
CA MET A 539 -16.66 5.92 3.92
C MET A 539 -17.19 6.34 2.55
N MET A 540 -17.08 5.44 1.58
CA MET A 540 -17.33 5.82 0.19
C MET A 540 -18.09 4.70 -0.52
N ASN A 541 -18.68 5.06 -1.65
CA ASN A 541 -19.63 4.20 -2.36
C ASN A 541 -19.16 3.96 -3.78
N VAL A 542 -18.81 2.71 -4.09
CA VAL A 542 -18.66 2.24 -5.46
C VAL A 542 -19.90 1.37 -5.66
N ILE A 543 -20.96 1.74 -4.95
CA ILE A 543 -22.15 0.93 -4.73
C ILE A 543 -22.61 0.21 -5.99
N GLY A 544 -22.70 0.93 -7.10
CA GLY A 544 -23.24 0.40 -8.33
C GLY A 544 -22.67 -0.95 -8.71
N SER A 545 -23.55 -1.88 -9.11
CA SER A 545 -23.10 -3.21 -9.50
C SER A 545 -22.24 -3.19 -10.75
N GLN A 546 -22.21 -2.08 -11.48
CA GLN A 546 -21.32 -1.91 -12.61
C GLN A 546 -20.19 -0.93 -12.33
N GLY A 547 -20.29 -0.14 -11.27
CA GLY A 547 -19.22 0.76 -10.87
C GLY A 547 -19.56 2.23 -11.06
N HIS A 548 -19.96 2.89 -9.98
CA HIS A 548 -20.30 4.32 -10.00
C HIS A 548 -20.11 4.88 -8.62
N LEU A 549 -19.29 5.92 -8.49
CA LEU A 549 -19.29 6.71 -7.27
C LEU A 549 -20.65 7.37 -7.10
N ILE A 550 -21.22 7.25 -5.90
CA ILE A 550 -22.54 7.79 -5.64
C ILE A 550 -22.47 8.78 -4.48
N GLN A 551 -21.51 8.58 -3.59
CA GLN A 551 -21.41 9.42 -2.40
C GLN A 551 -20.08 9.15 -1.72
N GLN A 552 -19.60 10.14 -0.99
CA GLN A 552 -18.42 10.02 -0.14
C GLN A 552 -18.69 10.77 1.15
N ALA A 553 -18.08 10.31 2.25
CA ALA A 553 -18.39 10.93 3.51
C ALA A 553 -17.24 10.81 4.50
N PRO A 554 -16.81 11.92 5.11
CA PRO A 554 -15.71 11.88 6.08
C PRO A 554 -16.18 11.40 7.44
N LEU A 555 -15.34 10.59 8.08
CA LEU A 555 -15.52 10.20 9.48
C LEU A 555 -14.68 11.11 10.38
N ASN A 556 -14.96 12.41 10.28
CA ASN A 556 -14.16 13.41 11.00
C ASN A 556 -14.33 13.27 12.50
N GLY A 557 -15.56 13.08 12.96
CA GLY A 557 -15.86 13.11 14.38
C GLY A 557 -15.11 12.11 15.23
N ILE A 558 -14.18 12.61 16.04
CA ILE A 558 -13.41 11.82 17.00
C ILE A 558 -12.74 10.64 16.30
N LEU A 559 -13.32 9.45 16.48
CA LEU A 559 -12.89 8.19 15.86
C LEU A 559 -11.59 7.68 16.48
N ALA A 560 -10.96 8.49 17.33
CA ALA A 560 -9.70 8.13 17.99
C ALA A 560 -8.73 7.47 17.03
N GLY A 561 -8.54 6.16 17.20
CA GLY A 561 -7.75 5.38 16.25
C GLY A 561 -8.40 4.04 15.93
N GLU A 562 -8.74 3.83 14.65
CA GLU A 562 -9.29 2.56 14.17
C GLU A 562 -10.52 2.12 14.96
N LYS A 563 -11.38 3.07 15.30
CA LYS A 563 -12.60 2.77 16.03
C LYS A 563 -13.66 3.79 15.66
N ILE A 564 -14.79 3.32 15.14
CA ILE A 564 -15.89 4.17 14.72
C ILE A 564 -16.98 4.12 15.78
N ASP A 565 -17.41 5.29 16.23
CA ASP A 565 -18.44 5.37 17.26
C ASP A 565 -19.75 4.78 16.72
N ASP A 566 -20.55 4.23 17.65
CA ASP A 566 -21.80 3.58 17.26
C ASP A 566 -22.73 4.55 16.55
N THR A 567 -22.92 5.74 17.14
CA THR A 567 -23.78 6.75 16.52
C THR A 567 -23.22 7.19 15.17
N LEU A 568 -21.90 7.37 15.08
CA LEU A 568 -21.28 7.77 13.82
C LEU A 568 -21.51 6.71 12.75
N LEU A 569 -21.27 5.44 13.08
CA LEU A 569 -21.46 4.37 12.10
C LEU A 569 -22.91 4.29 11.66
N ALA A 570 -23.85 4.40 12.61
CA ALA A 570 -25.26 4.32 12.25
C ALA A 570 -25.66 5.48 11.33
N ASN A 571 -25.21 6.69 11.66
CA ASN A 571 -25.56 7.86 10.85
C ASN A 571 -24.97 7.75 9.45
N LEU A 572 -23.72 7.29 9.34
CA LEU A 572 -23.11 7.15 8.02
C LEU A 572 -23.77 6.05 7.20
N LEU A 573 -24.13 4.94 7.82
CA LEU A 573 -24.83 3.89 7.08
C LEU A 573 -26.19 4.39 6.58
N LYS A 574 -26.92 5.13 7.43
CA LYS A 574 -28.20 5.68 7.01
C LYS A 574 -28.03 6.68 5.88
N GLN A 575 -26.98 7.51 5.96
CA GLN A 575 -26.71 8.46 4.88
C GLN A 575 -26.38 7.74 3.58
N MET A 576 -25.59 6.67 3.65
CA MET A 576 -25.25 5.91 2.44
C MET A 576 -26.49 5.27 1.84
N ILE A 577 -27.36 4.69 2.67
CA ILE A 577 -28.55 4.03 2.13
C ILE A 577 -29.52 5.07 1.55
N LYS A 578 -29.61 6.25 2.17
CA LYS A 578 -30.43 7.31 1.61
C LYS A 578 -29.88 7.78 0.27
N ALA A 579 -28.55 7.90 0.18
CA ALA A 579 -27.92 8.29 -1.09
C ALA A 579 -28.20 7.27 -2.17
N TYR A 580 -28.17 5.98 -1.81
CA TYR A 580 -28.54 4.96 -2.79
C TYR A 580 -30.01 5.02 -3.14
N HIS A 581 -30.87 5.44 -2.21
CA HIS A 581 -32.28 5.57 -2.50
C HIS A 581 -32.56 6.75 -3.44
N THR A 582 -31.74 7.80 -3.35
CA THR A 582 -31.92 8.94 -4.25
C THR A 582 -31.78 8.53 -5.71
N GLN A 583 -30.75 7.74 -6.01
CA GLN A 583 -30.58 7.15 -7.33
C GLN A 583 -31.33 5.81 -7.38
N PHE A 584 -31.60 5.35 -8.60
CA PHE A 584 -32.12 4.01 -8.85
C PHE A 584 -33.57 3.87 -8.38
N GLN A 585 -34.05 4.87 -7.63
CA GLN A 585 -35.42 4.92 -7.12
C GLN A 585 -35.88 3.59 -6.53
N ARG A 586 -35.02 3.00 -5.69
CA ARG A 586 -35.34 1.74 -5.02
C ARG A 586 -34.32 1.53 -3.91
N PHE A 587 -34.35 0.33 -3.32
CA PHE A 587 -33.45 -0.14 -2.28
C PHE A 587 -32.65 -1.33 -2.77
N PRO A 588 -31.45 -1.55 -2.24
CA PRO A 588 -30.63 -2.67 -2.72
C PRO A 588 -31.03 -3.98 -2.06
N LYS A 589 -30.91 -5.06 -2.83
CA LYS A 589 -31.20 -6.39 -2.30
C LYS A 589 -30.09 -6.92 -1.41
N HIS A 590 -28.88 -6.38 -1.52
CA HIS A 590 -27.74 -6.85 -0.74
C HIS A 590 -26.72 -5.72 -0.63
N ILE A 591 -25.92 -5.76 0.42
CA ILE A 591 -24.87 -4.79 0.66
C ILE A 591 -23.61 -5.51 1.11
N THR A 592 -22.46 -5.11 0.57
CA THR A 592 -21.17 -5.64 0.98
C THR A 592 -20.31 -4.50 1.52
N ILE A 593 -19.70 -4.72 2.68
CA ILE A 593 -18.90 -3.71 3.35
C ILE A 593 -17.44 -4.14 3.30
N HIS A 594 -16.65 -3.46 2.49
CA HIS A 594 -15.21 -3.68 2.44
C HIS A 594 -14.53 -2.81 3.50
N ARG A 595 -13.65 -3.42 4.29
CA ARG A 595 -12.95 -2.72 5.36
C ARG A 595 -11.46 -2.82 5.13
N ASP A 596 -10.78 -1.69 5.16
CA ASP A 596 -9.32 -1.67 5.07
C ASP A 596 -8.74 -2.04 6.43
N GLY A 597 -8.10 -3.20 6.51
CA GLY A 597 -7.53 -3.66 7.76
C GLY A 597 -8.38 -4.70 8.46
N PHE A 598 -8.48 -4.60 9.78
CA PHE A 598 -9.23 -5.55 10.59
C PHE A 598 -10.56 -4.94 10.98
N TRP A 599 -11.64 -5.72 10.84
CA TRP A 599 -12.97 -5.26 11.20
C TRP A 599 -13.11 -5.15 12.71
N ARG A 600 -12.87 -3.97 13.26
CA ARG A 600 -12.92 -3.75 14.70
C ARG A 600 -14.24 -3.12 15.14
N GLU A 601 -15.23 -3.06 14.25
CA GLU A 601 -16.49 -2.39 14.55
C GLU A 601 -17.47 -3.34 15.22
N HIS A 602 -18.71 -2.89 15.35
CA HIS A 602 -19.75 -3.61 16.08
C HIS A 602 -20.76 -4.14 15.06
N THR A 603 -20.86 -5.47 14.96
CA THR A 603 -21.70 -6.10 13.94
C THR A 603 -23.19 -6.00 14.27
N ALA A 604 -23.55 -5.84 15.54
CA ALA A 604 -24.96 -5.80 15.90
C ALA A 604 -25.66 -4.60 15.28
N LEU A 605 -25.01 -3.44 15.28
CA LEU A 605 -25.61 -2.26 14.67
C LEU A 605 -25.83 -2.45 13.19
N VAL A 606 -24.84 -3.02 12.48
CA VAL A 606 -24.99 -3.25 11.05
C VAL A 606 -26.14 -4.21 10.79
N GLU A 607 -26.22 -5.30 11.56
CA GLU A 607 -27.30 -6.25 11.37
C GLU A 607 -28.65 -5.61 11.61
N LYS A 608 -28.78 -4.83 12.69
CA LYS A 608 -30.04 -4.18 13.01
C LYS A 608 -30.46 -3.19 11.92
N ILE A 609 -29.51 -2.38 11.45
CA ILE A 609 -29.85 -1.36 10.47
C ILE A 609 -30.25 -2.01 9.14
N MET A 610 -29.48 -2.99 8.68
CA MET A 610 -29.86 -3.66 7.43
C MET A 610 -31.11 -4.50 7.58
N SER A 611 -31.45 -4.94 8.79
CA SER A 611 -32.72 -5.63 9.00
C SER A 611 -33.90 -4.68 9.00
N HIS A 612 -33.71 -3.44 9.46
CA HIS A 612 -34.78 -2.47 9.45
C HIS A 612 -35.24 -2.17 8.02
N TYR A 613 -34.29 -2.02 7.10
CA TYR A 613 -34.60 -1.83 5.69
C TYR A 613 -34.75 -3.12 4.93
N GLU A 614 -34.56 -4.26 5.60
CA GLU A 614 -34.73 -5.59 5.01
C GLU A 614 -33.75 -5.80 3.83
N ILE A 615 -32.46 -5.65 4.15
CA ILE A 615 -31.38 -5.88 3.19
C ILE A 615 -30.39 -6.85 3.82
N THR A 616 -29.98 -7.86 3.06
CA THR A 616 -28.91 -8.74 3.49
C THR A 616 -27.56 -8.03 3.36
N TYR A 617 -26.61 -8.44 4.20
CA TYR A 617 -25.33 -7.73 4.23
C TYR A 617 -24.20 -8.70 4.51
N ASP A 618 -23.01 -8.33 4.02
CA ASP A 618 -21.77 -9.05 4.28
C ASP A 618 -20.70 -8.06 4.70
N ILE A 619 -19.76 -8.52 5.52
CA ILE A 619 -18.61 -7.74 5.95
C ILE A 619 -17.34 -8.50 5.53
N VAL A 620 -16.44 -7.80 4.84
CA VAL A 620 -15.22 -8.39 4.33
C VAL A 620 -14.04 -7.52 4.70
N GLU A 621 -12.97 -8.15 5.19
CA GLU A 621 -11.72 -7.48 5.50
C GLU A 621 -10.74 -7.70 4.35
N ILE A 622 -10.11 -6.61 3.92
CA ILE A 622 -9.08 -6.63 2.89
C ILE A 622 -7.74 -6.35 3.55
N ILE A 623 -6.78 -7.25 3.36
CA ILE A 623 -5.44 -7.12 3.94
C ILE A 623 -4.46 -7.03 2.77
N LYS A 624 -3.82 -5.88 2.64
CA LYS A 624 -2.93 -5.64 1.50
C LYS A 624 -1.46 -5.92 1.80
N LYS A 625 -1.15 -6.37 3.02
CA LYS A 625 0.20 -6.82 3.37
C LYS A 625 0.08 -8.15 4.11
N PRO A 626 -0.22 -9.24 3.40
CA PRO A 626 -0.36 -10.54 4.06
C PRO A 626 0.95 -11.15 4.51
N ASN A 627 2.09 -10.63 4.06
CA ASN A 627 3.41 -11.15 4.38
C ASN A 627 3.56 -12.61 3.94
N ARG A 628 2.94 -12.96 2.83
CA ARG A 628 3.06 -14.29 2.23
C ARG A 628 3.28 -14.14 0.74
N ARG A 629 3.88 -15.16 0.14
CA ARG A 629 4.12 -15.18 -1.30
C ARG A 629 3.60 -16.48 -1.89
N MET A 630 2.89 -16.37 -3.00
CA MET A 630 2.33 -17.51 -3.70
C MET A 630 2.89 -17.53 -5.12
N ALA A 631 3.23 -18.72 -5.61
CA ALA A 631 3.81 -18.80 -6.94
C ALA A 631 3.64 -20.21 -7.52
N PHE A 632 3.64 -20.28 -8.84
CA PHE A 632 3.60 -21.56 -9.53
C PHE A 632 5.01 -22.04 -9.83
N PHE A 633 5.27 -23.31 -9.55
CA PHE A 633 6.55 -23.94 -9.79
C PHE A 633 6.47 -24.79 -11.06
N ASN A 634 7.44 -24.60 -11.95
CA ASN A 634 7.54 -25.35 -13.19
C ASN A 634 8.77 -26.23 -13.11
N SER A 635 8.56 -27.55 -13.07
CA SER A 635 9.67 -28.49 -12.95
C SER A 635 10.41 -28.69 -14.26
N VAL A 636 9.73 -28.51 -15.40
CA VAL A 636 10.38 -28.66 -16.69
C VAL A 636 11.50 -27.65 -16.85
N ASP A 637 11.24 -26.39 -16.49
CA ASP A 637 12.26 -25.36 -16.48
C ASP A 637 12.81 -25.09 -15.08
N ASN A 638 12.21 -25.68 -14.05
CA ASN A 638 12.65 -25.51 -12.66
C ASN A 638 12.69 -24.03 -12.29
N THR A 639 11.56 -23.37 -12.46
CA THR A 639 11.49 -21.92 -12.21
C THR A 639 10.12 -21.56 -11.66
N PHE A 640 10.06 -20.43 -10.97
CA PHE A 640 8.83 -19.94 -10.40
C PHE A 640 8.21 -18.86 -11.28
N SER A 641 6.89 -18.73 -11.17
CA SER A 641 6.14 -17.76 -11.96
C SER A 641 4.91 -17.36 -11.18
N THR A 642 4.15 -16.42 -11.73
CA THR A 642 2.94 -15.93 -11.09
C THR A 642 1.91 -15.60 -12.17
N ARG A 643 0.65 -15.88 -11.86
CA ARG A 643 -0.46 -15.62 -12.78
C ARG A 643 -1.47 -14.69 -12.12
N GLN A 644 -1.87 -13.66 -12.85
CA GLN A 644 -2.86 -12.71 -12.32
C GLN A 644 -4.22 -13.37 -12.21
N GLY A 645 -4.93 -13.05 -11.13
CA GLY A 645 -6.24 -13.62 -10.90
C GLY A 645 -6.19 -15.06 -10.42
N THR A 646 -5.30 -15.35 -9.49
CA THR A 646 -5.17 -16.67 -8.87
C THR A 646 -5.60 -16.56 -7.43
N VAL A 647 -6.39 -17.54 -6.97
CA VAL A 647 -6.97 -17.53 -5.64
C VAL A 647 -6.63 -18.84 -4.95
N TYR A 648 -6.04 -18.74 -3.75
CA TYR A 648 -5.86 -19.88 -2.85
C TYR A 648 -6.84 -19.68 -1.71
N GLN A 649 -7.84 -20.55 -1.60
CA GLN A 649 -8.87 -20.36 -0.59
C GLN A 649 -8.90 -21.54 0.38
N ARG A 650 -9.08 -21.20 1.67
CA ARG A 650 -9.25 -22.18 2.74
C ARG A 650 -10.25 -21.60 3.74
N GLY A 651 -11.30 -22.35 4.02
CA GLY A 651 -12.30 -21.88 4.96
C GLY A 651 -12.95 -20.59 4.47
N ASN A 652 -12.92 -19.57 5.32
CA ASN A 652 -13.39 -18.23 4.98
C ASN A 652 -12.22 -17.26 4.80
N GLU A 653 -11.11 -17.75 4.26
CA GLU A 653 -9.96 -16.90 3.99
C GLU A 653 -9.41 -17.24 2.62
N ALA A 654 -8.84 -16.23 1.96
CA ALA A 654 -8.31 -16.45 0.62
C ALA A 654 -7.13 -15.51 0.36
N PHE A 655 -6.29 -15.94 -0.58
CA PHE A 655 -5.20 -15.14 -1.12
C PHE A 655 -5.47 -14.92 -2.61
N LEU A 656 -5.39 -13.66 -3.04
CA LEU A 656 -5.67 -13.25 -4.41
C LEU A 656 -4.45 -12.58 -5.02
N CYS A 657 -4.17 -12.93 -6.27
CA CYS A 657 -3.13 -12.26 -7.06
C CYS A 657 -3.80 -11.33 -8.06
N ALA A 658 -3.43 -10.05 -8.02
CA ALA A 658 -4.11 -9.03 -8.81
C ALA A 658 -3.19 -8.23 -9.72
N THR A 659 -1.88 -8.43 -9.65
CA THR A 659 -0.93 -7.65 -10.44
C THR A 659 0.00 -8.59 -11.20
N ASN A 660 0.57 -8.08 -12.29
CA ASN A 660 1.50 -8.81 -13.13
C ASN A 660 2.73 -7.96 -13.39
N PRO A 661 3.59 -7.79 -12.38
CA PRO A 661 4.77 -6.93 -12.55
C PRO A 661 5.82 -7.61 -13.40
N GLN A 662 6.77 -6.79 -13.86
CA GLN A 662 7.89 -7.29 -14.64
C GLN A 662 8.96 -7.87 -13.72
N GLN A 663 9.97 -8.50 -14.32
CA GLN A 663 11.04 -9.10 -13.54
C GLN A 663 11.85 -8.05 -12.79
N LYS A 664 12.13 -6.91 -13.43
CA LYS A 664 12.93 -5.85 -12.81
C LYS A 664 12.12 -5.01 -11.84
N VAL A 665 10.81 -5.18 -11.78
CA VAL A 665 9.99 -4.47 -10.80
C VAL A 665 9.90 -5.26 -9.50
N GLY A 666 9.88 -6.58 -9.58
CA GLY A 666 9.81 -7.43 -8.41
C GLY A 666 8.88 -8.60 -8.57
N MET A 667 8.28 -9.05 -7.48
CA MET A 667 7.37 -10.18 -7.46
C MET A 667 6.03 -9.72 -6.92
N ALA A 668 4.95 -10.24 -7.50
CA ALA A 668 3.61 -9.77 -7.18
C ALA A 668 3.28 -9.96 -5.72
N GLN A 669 2.57 -8.99 -5.15
CA GLN A 669 2.10 -9.02 -3.77
C GLN A 669 0.68 -9.56 -3.71
N PRO A 670 0.41 -10.60 -2.93
CA PRO A 670 -0.96 -11.10 -2.78
C PRO A 670 -1.79 -10.20 -1.88
N ILE A 671 -3.10 -10.46 -1.90
CA ILE A 671 -4.07 -9.78 -1.05
C ILE A 671 -4.83 -10.84 -0.26
N LYS A 672 -5.01 -10.61 1.04
CA LYS A 672 -5.73 -11.54 1.89
C LYS A 672 -7.16 -11.05 2.07
N ILE A 673 -8.11 -11.90 1.72
CA ILE A 673 -9.53 -11.60 1.81
C ILE A 673 -10.13 -12.45 2.92
N HIS A 674 -10.81 -11.81 3.87
CA HIS A 674 -11.41 -12.52 4.99
C HIS A 674 -12.90 -12.17 5.08
N GLN A 675 -13.74 -13.19 5.21
CA GLN A 675 -15.19 -12.99 5.33
C GLN A 675 -15.59 -13.16 6.79
N VAL A 676 -16.16 -12.12 7.38
CA VAL A 676 -16.56 -12.16 8.78
C VAL A 676 -17.97 -12.75 8.96
N THR A 677 -18.87 -12.50 8.01
CA THR A 677 -20.24 -12.97 8.08
C THR A 677 -20.47 -14.07 7.03
N LYS A 678 -21.72 -14.50 6.90
CA LYS A 678 -22.06 -15.55 5.95
C LYS A 678 -23.47 -15.30 5.40
N THR A 679 -23.53 -14.77 4.17
CA THR A 679 -24.78 -14.67 3.44
C THR A 679 -24.66 -15.08 1.98
N LEU A 680 -23.48 -15.02 1.37
CA LEU A 680 -23.25 -15.41 -0.01
C LEU A 680 -22.09 -16.38 -0.05
N PRO A 681 -21.99 -17.18 -1.12
CA PRO A 681 -20.79 -18.01 -1.29
C PRO A 681 -19.53 -17.16 -1.32
N PHE A 682 -18.47 -17.68 -0.69
CA PHE A 682 -17.25 -16.92 -0.55
C PHE A 682 -16.54 -16.73 -1.89
N SER A 683 -16.76 -17.64 -2.83
CA SER A 683 -16.22 -17.48 -4.17
C SER A 683 -16.81 -16.24 -4.85
N HIS A 684 -18.10 -15.99 -4.63
CA HIS A 684 -18.72 -14.77 -5.16
C HIS A 684 -18.09 -13.52 -4.56
N ILE A 685 -17.77 -13.55 -3.26
CA ILE A 685 -17.10 -12.43 -2.62
C ILE A 685 -15.74 -12.19 -3.26
N ILE A 686 -14.97 -13.25 -3.46
CA ILE A 686 -13.65 -13.10 -4.08
C ILE A 686 -13.78 -12.54 -5.48
N GLU A 687 -14.76 -13.06 -6.24
CA GLU A 687 -14.94 -12.59 -7.62
C GLU A 687 -15.31 -11.12 -7.66
N ASP A 688 -16.18 -10.68 -6.75
CA ASP A 688 -16.55 -9.27 -6.71
C ASP A 688 -15.36 -8.40 -6.34
N VAL A 689 -14.55 -8.85 -5.37
CA VAL A 689 -13.39 -8.06 -4.97
C VAL A 689 -12.40 -7.93 -6.12
N TYR A 690 -12.17 -9.01 -6.86
CA TYR A 690 -11.27 -8.95 -8.01
C TYR A 690 -11.84 -8.07 -9.12
N ASN A 691 -13.15 -8.18 -9.38
CA ASN A 691 -13.74 -7.41 -10.46
C ASN A 691 -13.72 -5.92 -10.15
N LEU A 692 -13.96 -5.54 -8.90
CA LEU A 692 -14.04 -4.14 -8.52
C LEU A 692 -12.69 -3.43 -8.58
N SER A 693 -11.62 -4.10 -9.00
CA SER A 693 -10.30 -3.49 -9.10
C SER A 693 -9.95 -3.05 -10.52
N PHE A 694 -10.81 -3.36 -11.50
CA PHE A 694 -10.61 -2.92 -12.86
C PHE A 694 -11.26 -1.57 -13.14
N LEU A 695 -11.51 -0.78 -12.10
CA LEU A 695 -12.18 0.50 -12.20
C LEU A 695 -11.24 1.65 -11.89
N HIS A 696 -10.01 1.56 -12.38
CA HIS A 696 -9.02 2.64 -12.24
C HIS A 696 -9.25 3.66 -13.35
N ILE A 697 -10.33 4.43 -13.19
CA ILE A 697 -10.74 5.36 -14.24
C ILE A 697 -9.83 6.57 -14.35
N HIS A 698 -8.89 6.73 -13.43
CA HIS A 698 -7.97 7.86 -13.44
C HIS A 698 -6.62 7.55 -14.08
N ALA A 699 -6.38 6.29 -14.45
CA ALA A 699 -5.08 5.91 -15.00
C ALA A 699 -5.27 4.66 -15.84
N MET A 700 -4.43 4.53 -16.87
CA MET A 700 -4.43 3.33 -17.71
C MET A 700 -3.65 2.19 -17.09
N ASN A 701 -2.99 2.41 -15.96
CA ASN A 701 -2.22 1.38 -15.27
C ASN A 701 -3.09 0.74 -14.22
N LYS A 702 -3.09 -0.59 -14.17
CA LYS A 702 -3.99 -1.29 -13.27
C LYS A 702 -3.53 -1.16 -11.82
N MET A 703 -4.48 -0.88 -10.93
CA MET A 703 -4.24 -0.86 -9.50
C MET A 703 -4.47 -2.23 -8.90
N ARG A 704 -3.75 -2.52 -7.82
CA ARG A 704 -3.88 -3.82 -7.17
C ARG A 704 -5.17 -3.95 -6.38
N LEU A 705 -5.53 -2.92 -5.63
CA LEU A 705 -6.67 -2.95 -4.73
C LEU A 705 -7.97 -2.64 -5.47
N PRO A 706 -9.10 -3.08 -4.95
CA PRO A 706 -10.39 -2.69 -5.54
C PRO A 706 -10.66 -1.21 -5.32
N ALA A 707 -11.61 -0.69 -6.11
CA ALA A 707 -11.89 0.74 -6.10
C ALA A 707 -12.33 1.22 -4.73
N THR A 708 -13.04 0.38 -3.97
CA THR A 708 -13.59 0.79 -2.68
C THR A 708 -12.49 1.19 -1.70
N ILE A 709 -11.31 0.60 -1.81
CA ILE A 709 -10.20 0.90 -0.92
C ILE A 709 -9.25 1.93 -1.55
N HIS A 710 -8.99 1.78 -2.85
CA HIS A 710 -8.05 2.67 -3.53
C HIS A 710 -8.59 4.09 -3.64
N TYR A 711 -9.90 4.26 -3.75
CA TYR A 711 -10.48 5.60 -3.77
C TYR A 711 -10.88 6.09 -2.39
N ALA A 712 -10.74 5.27 -1.37
CA ALA A 712 -10.98 5.69 0.00
C ALA A 712 -9.71 6.16 0.68
N ASP A 713 -8.60 5.46 0.46
CA ASP A 713 -7.34 5.90 1.06
C ASP A 713 -6.88 7.24 0.50
N LEU A 714 -7.01 7.43 -0.82
CA LEU A 714 -6.67 8.72 -1.43
C LEU A 714 -7.55 9.84 -0.89
N SER A 715 -8.86 9.58 -0.76
CA SER A 715 -9.76 10.59 -0.23
C SER A 715 -9.41 10.95 1.20
N ALA A 716 -9.10 9.94 2.02
CA ALA A 716 -8.71 10.20 3.40
C ALA A 716 -7.42 11.01 3.46
N THR A 717 -6.45 10.65 2.62
CA THR A 717 -5.18 11.39 2.60
C THR A 717 -5.38 12.84 2.19
N ALA A 718 -6.22 13.07 1.18
CA ALA A 718 -6.48 14.44 0.74
C ALA A 718 -7.22 15.23 1.81
N TYR A 719 -8.21 14.61 2.46
CA TYR A 719 -8.95 15.31 3.50
C TYR A 719 -8.08 15.63 4.70
N GLN A 720 -7.16 14.73 5.06
CA GLN A 720 -6.31 14.97 6.22
C GLN A 720 -5.48 16.24 6.03
N ARG A 721 -4.97 16.45 4.82
CA ARG A 721 -4.14 17.62 4.55
C ARG A 721 -4.96 18.88 4.25
N GLY A 722 -6.28 18.78 4.23
CA GLY A 722 -7.12 19.95 4.03
C GLY A 722 -7.29 20.36 2.59
N GLN A 723 -7.16 19.43 1.65
CA GLN A 723 -7.34 19.74 0.24
C GLN A 723 -8.77 19.56 -0.24
N VAL A 724 -9.67 19.05 0.61
CA VAL A 724 -11.07 18.87 0.25
C VAL A 724 -11.93 19.35 1.42
N MET A 725 -12.93 20.18 1.12
CA MET A 725 -13.85 20.66 2.14
C MET A 725 -14.99 19.66 2.30
N PRO A 726 -15.48 19.45 3.53
CA PRO A 726 -16.60 18.53 3.72
C PRO A 726 -17.97 19.12 3.42
N ARG A 727 -18.05 20.40 3.07
CA ARG A 727 -19.34 21.01 2.79
C ARG A 727 -20.04 20.35 1.61
N SER A 728 -19.30 20.09 0.53
CA SER A 728 -19.92 19.54 -0.67
C SER A 728 -20.09 18.03 -0.57
N GLY A 729 -18.98 17.30 -0.50
CA GLY A 729 -19.04 15.85 -0.53
C GLY A 729 -19.74 15.31 -1.76
N ASN A 730 -19.47 15.91 -2.91
CA ASN A 730 -20.27 15.66 -4.10
C ASN A 730 -19.99 14.25 -4.66
N GLN A 731 -20.86 13.82 -5.56
CA GLN A 731 -20.73 12.55 -6.25
C GLN A 731 -20.04 12.75 -7.59
N THR A 732 -19.53 11.63 -8.13
CA THR A 732 -18.95 11.49 -9.47
C THR A 732 -17.84 12.50 -9.73
N ASN A 733 -17.41 13.22 -8.70
CA ASN A 733 -16.29 14.14 -8.77
C ASN A 733 -15.19 13.62 -7.86
N LEU A 734 -13.97 13.52 -8.39
CA LEU A 734 -12.83 12.99 -7.66
C LEU A 734 -11.64 13.95 -7.78
N PRO A 735 -11.71 15.11 -7.13
CA PRO A 735 -10.62 16.08 -7.25
C PRO A 735 -9.28 15.56 -6.76
N PHE A 736 -9.28 14.65 -5.81
CA PHE A 736 -8.07 14.13 -5.19
C PHE A 736 -7.41 13.02 -6.00
N VAL A 737 -8.07 12.52 -7.04
CA VAL A 737 -7.65 11.29 -7.67
C VAL A 737 -6.38 11.51 -8.47
MN MN D . -3.39 12.94 -9.67
MN MN E . -4.94 3.99 3.77
#